data_9CAJ
#
_entry.id   9CAJ
#
_cell.length_a   1.00
_cell.length_b   1.00
_cell.length_c   1.00
_cell.angle_alpha   90.00
_cell.angle_beta   90.00
_cell.angle_gamma   90.00
#
_symmetry.space_group_name_H-M   'P 1'
#
loop_
_entity.id
_entity.type
_entity.pdbx_description
1 polymer 'DNA topoisomerase 3-beta-1'
2 polymer 'Tudor domain-containing protein 3'
3 polymer "DNA (5'-D(P*AP*CP*AP*GP*AP*TP*AP*TP*T)-3')"
4 non-polymer 'MANGANESE (II) ION'
#
loop_
_entity_poly.entity_id
_entity_poly.type
_entity_poly.pdbx_seq_one_letter_code
_entity_poly.pdbx_strand_id
1 'polypeptide(L)'
;VMKTVLMVAEKPSLAQSIAKILSRGSLSSHKGLNGACSVHEYTGTFAGQPVRFKMTSVCGHVMTLDFLGKYNKWDKVDPA
ELFSQAPTEKKEANPKLNMVKFLQVEGRGCDYIVLWLDCDKEGENICFEVLDAVLPVMNKAHGGEKTVFRARFSSITDTD
ICNAMACLGEPDHNEALSVDARQELDLRIGCAFTRFQTKYFQGKYGDLDSSLISFGPCQTPTLGFCVERHDKIQSFKPET
YWVLQAKVNTDKDRSLLLDWDRVRVFDREIAQMFLNMTKLEKEAQVEATSRKEKAKQRPLALNTVEMLRVASSSLGMGPQ
HAMQTAERLYTQGYISFPRTETTHYPENFDLKGSLRQQANHPYWADTVKRLLAEGINRPRKGHDAGDHPPITPMKSATEA
ELGGDAWRLYEYITRHFIATVSHDCKYLQSTISFRIGPELFTCSGKTVLSPGFTEVMPWQSVPLEESLPTCQRGDAFPVG
EVKMLEKQTNPPDYLTEAELITLMEKHGIGTDASIPVHINNICQRNYVTVESGRRLKPTNLGIVLVHGYYKIDAELVLPT
IRSAVEKQLNLIAQGKADYRQVLGHTLDVFKRKFHYFVDSIAGMDELMEVSF
;
A
2 'polypeptide(L)'
;MAQVAGAALSQAGWYLSDEGIEACTSSPDKVNVNDIILIALNTDLRTIGKKFLPSDINSGKVEKLEGPCVLQIQKIRNVA
APKDNEESQAAPRMLRLQMTDGHISCTAVEFSYMSKISLNTPPGTKVKLSGIVDIKNGFLLLNDSNTTVLGGEVEHLIEK
W
;
B
3 'polydeoxyribonucleotide' (DA)(DC)(DA)(DG)(DA)(DT)(DA)(DT)(DT) C
#
# COMPACT_ATOMS: atom_id res chain seq x y z
N VAL A 1 49.66 -20.82 -30.45
CA VAL A 1 49.96 -21.28 -29.10
C VAL A 1 49.03 -20.60 -28.11
N MET A 2 48.87 -19.28 -28.24
CA MET A 2 47.95 -18.54 -27.39
C MET A 2 46.52 -18.94 -27.72
N LYS A 3 45.70 -19.07 -26.68
CA LYS A 3 44.31 -19.49 -26.82
C LYS A 3 43.40 -18.29 -26.67
N THR A 4 42.45 -18.13 -27.59
CA THR A 4 41.57 -16.98 -27.55
C THR A 4 40.54 -17.11 -26.44
N VAL A 5 40.12 -15.96 -25.91
CA VAL A 5 39.16 -15.89 -24.81
C VAL A 5 38.12 -14.84 -25.18
N LEU A 6 36.84 -15.14 -24.93
CA LEU A 6 35.77 -14.20 -25.22
C LEU A 6 35.01 -13.85 -23.94
N MET A 7 34.58 -12.60 -23.85
CA MET A 7 33.79 -12.12 -22.71
C MET A 7 32.78 -11.11 -23.21
N VAL A 8 31.61 -11.09 -22.57
CA VAL A 8 30.52 -10.19 -22.95
C VAL A 8 29.91 -9.56 -21.71
N ALA A 9 29.70 -8.26 -21.75
CA ALA A 9 29.02 -7.50 -20.70
C ALA A 9 27.75 -6.88 -21.28
N GLU A 10 26.97 -6.23 -20.42
CA GLU A 10 25.69 -5.70 -20.84
C GLU A 10 25.77 -4.29 -21.40
N LYS A 11 26.56 -3.41 -20.84
CA LYS A 11 26.67 -2.09 -21.50
C LYS A 11 28.16 -1.75 -21.59
N PRO A 12 28.61 -1.02 -22.61
CA PRO A 12 30.01 -0.62 -22.77
C PRO A 12 30.57 0.11 -21.56
N SER A 13 29.70 0.74 -20.75
CA SER A 13 30.16 1.29 -19.49
C SER A 13 30.73 0.20 -18.60
N LEU A 14 29.99 -0.90 -18.44
CA LEU A 14 30.53 -2.04 -17.70
C LEU A 14 31.72 -2.64 -18.42
N ALA A 15 31.77 -2.54 -19.74
CA ALA A 15 32.93 -3.03 -20.46
C ALA A 15 34.20 -2.28 -20.05
N GLN A 16 34.14 -0.95 -20.06
CA GLN A 16 35.27 -0.16 -19.57
C GLN A 16 35.58 -0.49 -18.12
N SER A 17 34.54 -0.48 -17.27
CA SER A 17 34.74 -0.65 -15.83
C SER A 17 35.26 -2.03 -15.47
N ILE A 18 35.10 -3.02 -16.34
CA ILE A 18 35.58 -4.36 -16.05
C ILE A 18 36.94 -4.61 -16.69
N ALA A 19 37.15 -4.11 -17.92
CA ALA A 19 38.45 -4.28 -18.57
C ALA A 19 39.52 -3.51 -17.83
N LYS A 20 39.24 -2.27 -17.40
CA LYS A 20 40.26 -1.49 -16.71
C LYS A 20 40.66 -2.12 -15.37
N ILE A 21 39.82 -2.98 -14.82
CA ILE A 21 40.14 -3.63 -13.55
C ILE A 21 40.82 -4.97 -13.76
N LEU A 22 40.32 -5.77 -14.70
CA LEU A 22 40.87 -7.10 -14.92
C LEU A 22 42.07 -7.11 -15.86
N SER A 23 42.45 -5.96 -16.42
CA SER A 23 43.57 -5.89 -17.35
C SER A 23 44.75 -5.10 -16.82
N ARG A 24 44.59 -4.41 -15.70
CA ARG A 24 45.67 -3.63 -15.08
C ARG A 24 46.24 -2.59 -16.04
N GLY A 25 45.34 -1.91 -16.76
CA GLY A 25 45.69 -0.79 -17.61
C GLY A 25 45.92 -1.16 -19.06
N SER A 26 46.20 -2.42 -19.35
CA SER A 26 46.47 -2.85 -20.72
C SER A 26 45.14 -3.04 -21.45
N LEU A 27 44.74 -2.02 -22.21
CA LEU A 27 43.44 -2.04 -22.90
C LEU A 27 43.62 -1.78 -24.39
N SER A 28 42.52 -1.57 -25.10
CA SER A 28 42.57 -1.26 -26.52
C SER A 28 41.30 -0.52 -26.90
N SER A 29 41.40 0.28 -27.97
CA SER A 29 40.27 1.00 -28.55
C SER A 29 40.03 0.42 -29.94
N HIS A 30 39.05 -0.46 -30.03
CA HIS A 30 38.80 -1.26 -31.23
C HIS A 30 37.31 -1.24 -31.58
N LYS A 31 36.75 -0.04 -31.69
CA LYS A 31 35.35 0.17 -32.00
C LYS A 31 34.85 -0.81 -33.06
N GLY A 32 33.75 -1.49 -32.74
CA GLY A 32 33.33 -2.66 -33.49
C GLY A 32 32.64 -2.33 -34.81
N LEU A 33 32.29 -3.40 -35.52
CA LEU A 33 31.65 -3.26 -36.82
C LEU A 33 30.28 -2.60 -36.71
N ASN A 34 29.56 -2.82 -35.60
CA ASN A 34 28.23 -2.26 -35.44
C ASN A 34 28.28 -0.74 -35.36
N GLY A 35 29.29 -0.20 -34.68
CA GLY A 35 29.36 1.22 -34.44
C GLY A 35 28.81 1.69 -33.11
N ALA A 36 28.54 0.76 -32.20
CA ALA A 36 28.02 1.12 -30.88
C ALA A 36 28.67 0.35 -29.74
N CYS A 37 29.59 -0.57 -30.02
CA CYS A 37 30.22 -1.37 -28.98
C CYS A 37 31.72 -1.21 -29.02
N SER A 38 32.43 -1.96 -28.19
CA SER A 38 33.89 -1.89 -28.17
C SER A 38 34.46 -3.28 -27.90
N VAL A 39 35.64 -3.54 -28.44
CA VAL A 39 36.35 -4.80 -28.25
C VAL A 39 37.67 -4.49 -27.56
N HIS A 40 37.96 -5.22 -26.49
CA HIS A 40 39.12 -4.97 -25.65
C HIS A 40 39.96 -6.24 -25.57
N GLU A 41 41.27 -6.08 -25.53
CA GLU A 41 42.18 -7.22 -25.46
C GLU A 41 43.09 -7.13 -24.24
N TYR A 42 43.78 -8.23 -23.96
CA TYR A 42 44.56 -8.44 -22.75
C TYR A 42 45.28 -9.77 -22.92
N THR A 43 46.28 -10.00 -22.08
CA THR A 43 46.99 -11.28 -22.07
C THR A 43 46.94 -11.86 -20.66
N GLY A 44 46.58 -13.13 -20.56
CA GLY A 44 46.43 -13.73 -19.25
C GLY A 44 46.61 -15.23 -19.28
N THR A 45 46.15 -15.87 -18.21
CA THR A 45 46.28 -17.32 -18.06
C THR A 45 45.21 -17.79 -17.07
N PHE A 46 44.20 -18.51 -17.57
CA PHE A 46 43.19 -19.07 -16.68
C PHE A 46 43.36 -20.56 -16.47
N ALA A 47 43.87 -21.29 -17.48
CA ALA A 47 44.06 -22.72 -17.41
C ALA A 47 45.49 -23.13 -17.71
N GLY A 48 46.45 -22.40 -17.16
CA GLY A 48 47.86 -22.75 -17.33
C GLY A 48 48.37 -22.64 -18.74
N GLN A 49 47.92 -21.64 -19.49
CA GLN A 49 48.41 -21.42 -20.85
C GLN A 49 48.23 -19.96 -21.20
N PRO A 50 49.11 -19.40 -22.03
CA PRO A 50 48.90 -18.01 -22.49
C PRO A 50 47.63 -17.89 -23.30
N VAL A 51 46.72 -17.03 -22.83
CA VAL A 51 45.43 -16.85 -23.47
C VAL A 51 45.27 -15.36 -23.77
N ARG A 52 44.90 -15.07 -25.02
CA ARG A 52 44.60 -13.70 -25.42
C ARG A 52 43.13 -13.41 -25.15
N PHE A 53 42.89 -12.53 -24.18
CA PHE A 53 41.56 -12.14 -23.75
C PHE A 53 40.90 -11.28 -24.82
N LYS A 54 39.57 -11.30 -24.82
CA LYS A 54 38.77 -10.46 -25.67
C LYS A 54 37.46 -10.17 -24.95
N MET A 55 37.07 -8.90 -24.94
CA MET A 55 35.94 -8.52 -24.12
C MET A 55 35.12 -7.43 -24.79
N THR A 56 33.80 -7.64 -24.88
CA THR A 56 32.92 -6.70 -25.57
C THR A 56 31.61 -6.55 -24.82
N SER A 57 30.63 -5.90 -25.45
CA SER A 57 29.35 -5.68 -24.82
C SER A 57 28.21 -5.88 -25.82
N VAL A 58 27.08 -6.38 -25.33
CA VAL A 58 25.84 -6.43 -26.10
C VAL A 58 24.88 -5.45 -25.43
N CYS A 59 24.79 -4.25 -25.98
CA CYS A 59 24.04 -3.18 -25.33
C CYS A 59 22.55 -3.47 -25.37
N GLY A 60 21.93 -3.53 -24.19
CA GLY A 60 20.50 -3.72 -24.09
C GLY A 60 20.09 -5.16 -24.33
N HIS A 61 18.78 -5.38 -24.22
CA HIS A 61 18.22 -6.69 -24.47
C HIS A 61 18.33 -7.00 -25.95
N VAL A 62 18.87 -8.19 -26.28
CA VAL A 62 19.27 -8.47 -27.66
C VAL A 62 18.04 -8.74 -28.53
N MET A 63 17.27 -9.77 -28.21
CA MET A 63 16.19 -10.23 -29.07
C MET A 63 14.85 -10.15 -28.34
N THR A 64 13.83 -9.69 -29.05
CA THR A 64 12.47 -9.60 -28.54
C THR A 64 11.62 -10.71 -29.14
N LEU A 65 10.46 -10.93 -28.54
CA LEU A 65 9.59 -12.04 -28.91
C LEU A 65 8.32 -11.48 -29.54
N ASP A 66 8.02 -11.91 -30.77
CA ASP A 66 6.87 -11.36 -31.47
C ASP A 66 6.31 -12.40 -32.43
N PHE A 67 5.05 -12.22 -32.80
CA PHE A 67 4.37 -13.14 -33.71
C PHE A 67 5.03 -13.11 -35.08
N LEU A 68 4.73 -14.13 -35.87
CA LEU A 68 5.16 -14.16 -37.25
C LEU A 68 4.44 -13.08 -38.05
N GLY A 69 5.01 -12.73 -39.20
CA GLY A 69 4.45 -11.66 -40.01
C GLY A 69 3.08 -11.94 -40.58
N LYS A 70 2.69 -13.22 -40.64
CA LYS A 70 1.39 -13.57 -41.20
C LYS A 70 0.26 -13.18 -40.25
N TYR A 71 0.49 -13.35 -38.94
CA TYR A 71 -0.57 -13.14 -37.95
C TYR A 71 -0.55 -11.76 -37.32
N ASN A 72 0.37 -10.90 -37.73
CA ASN A 72 0.38 -9.53 -37.20
C ASN A 72 -0.71 -8.67 -37.82
N LYS A 73 -1.12 -8.96 -39.06
CA LYS A 73 -2.20 -8.21 -39.69
C LYS A 73 -3.50 -8.48 -38.97
N TRP A 74 -4.22 -7.40 -38.64
CA TRP A 74 -5.40 -7.53 -37.77
C TRP A 74 -6.57 -8.14 -38.51
N ASP A 75 -6.71 -7.88 -39.81
CA ASP A 75 -7.88 -8.29 -40.56
C ASP A 75 -7.75 -9.67 -41.19
N LYS A 76 -6.66 -10.40 -40.92
CA LYS A 76 -6.43 -11.69 -41.55
C LYS A 76 -6.32 -12.85 -40.56
N VAL A 77 -6.33 -12.59 -39.26
CA VAL A 77 -6.19 -13.63 -38.25
C VAL A 77 -7.30 -13.50 -37.23
N ASP A 78 -7.95 -14.62 -36.93
CA ASP A 78 -8.90 -14.67 -35.84
C ASP A 78 -8.14 -14.54 -34.51
N PRO A 79 -8.55 -13.66 -33.60
CA PRO A 79 -7.76 -13.44 -32.38
C PRO A 79 -7.48 -14.70 -31.58
N ALA A 80 -8.45 -15.62 -31.51
CA ALA A 80 -8.23 -16.85 -30.74
C ALA A 80 -7.03 -17.63 -31.25
N GLU A 81 -6.74 -17.55 -32.55
CA GLU A 81 -5.61 -18.27 -33.11
C GLU A 81 -4.29 -17.83 -32.50
N LEU A 82 -4.26 -16.66 -31.85
CA LEU A 82 -3.05 -16.19 -31.21
C LEU A 82 -2.71 -16.96 -29.94
N PHE A 83 -3.63 -17.80 -29.43
CA PHE A 83 -3.35 -18.50 -28.18
C PHE A 83 -2.47 -19.73 -28.40
N SER A 84 -2.81 -20.57 -29.36
CA SER A 84 -2.07 -21.80 -29.59
C SER A 84 -1.71 -22.08 -31.04
N GLN A 85 -2.42 -21.50 -32.01
CA GLN A 85 -2.18 -21.78 -33.41
C GLN A 85 -1.22 -20.79 -34.07
N ALA A 86 -0.67 -19.86 -33.30
CA ALA A 86 0.17 -18.81 -33.85
C ALA A 86 1.63 -19.06 -33.49
N PRO A 87 2.51 -19.25 -34.47
CA PRO A 87 3.94 -19.38 -34.14
C PRO A 87 4.50 -18.04 -33.71
N THR A 88 5.54 -18.11 -32.87
CA THR A 88 6.15 -16.91 -32.33
C THR A 88 7.66 -17.01 -32.49
N GLU A 89 8.29 -15.93 -32.92
CA GLU A 89 9.71 -15.93 -33.24
C GLU A 89 10.43 -14.82 -32.48
N LYS A 90 11.73 -15.03 -32.30
CA LYS A 90 12.59 -14.07 -31.60
C LYS A 90 13.26 -13.17 -32.64
N LYS A 91 12.70 -11.99 -32.85
CA LYS A 91 13.32 -11.04 -33.75
C LYS A 91 14.43 -10.29 -33.04
N GLU A 92 15.28 -9.65 -33.84
CA GLU A 92 16.37 -8.86 -33.30
C GLU A 92 15.85 -7.46 -33.00
N ALA A 93 15.93 -7.06 -31.74
CA ALA A 93 15.58 -5.68 -31.39
C ALA A 93 16.54 -4.72 -32.07
N ASN A 94 16.06 -3.49 -32.29
CA ASN A 94 16.71 -2.39 -33.01
C ASN A 94 17.63 -2.92 -34.12
N PRO A 95 17.05 -3.52 -35.18
CA PRO A 95 17.89 -4.22 -36.17
C PRO A 95 18.96 -3.36 -36.82
N LYS A 96 18.84 -2.04 -36.76
CA LYS A 96 19.88 -1.18 -37.32
C LYS A 96 21.23 -1.40 -36.65
N LEU A 97 21.23 -1.95 -35.44
CA LEU A 97 22.45 -2.30 -34.72
C LEU A 97 22.65 -3.80 -34.88
N ASN A 98 23.56 -4.20 -35.76
CA ASN A 98 23.66 -5.59 -36.19
C ASN A 98 24.38 -6.43 -35.13
N MET A 99 23.68 -6.63 -34.02
CA MET A 99 24.29 -7.24 -32.84
C MET A 99 24.60 -8.72 -33.05
N VAL A 100 23.70 -9.43 -33.72
CA VAL A 100 23.89 -10.87 -33.90
C VAL A 100 25.11 -11.14 -34.76
N LYS A 101 25.23 -10.42 -35.87
CA LYS A 101 26.41 -10.59 -36.72
C LYS A 101 27.67 -10.09 -36.04
N PHE A 102 27.55 -9.03 -35.22
CA PHE A 102 28.72 -8.56 -34.47
C PHE A 102 29.23 -9.65 -33.54
N LEU A 103 28.32 -10.29 -32.80
CA LEU A 103 28.72 -11.39 -31.92
C LEU A 103 29.30 -12.54 -32.71
N GLN A 104 28.67 -12.88 -33.84
CA GLN A 104 29.13 -14.01 -34.62
C GLN A 104 30.52 -13.78 -35.19
N VAL A 105 30.82 -12.55 -35.63
CA VAL A 105 32.13 -12.27 -36.19
C VAL A 105 33.17 -12.10 -35.09
N GLU A 106 32.77 -11.68 -33.89
CA GLU A 106 33.74 -11.60 -32.81
C GLU A 106 34.01 -12.93 -32.16
N GLY A 107 33.11 -13.90 -32.30
CA GLY A 107 33.33 -15.20 -31.71
C GLY A 107 34.05 -16.18 -32.61
N ARG A 108 35.35 -16.34 -32.41
CA ARG A 108 36.14 -17.32 -33.15
C ARG A 108 37.07 -18.12 -32.26
N GLY A 109 37.11 -17.86 -30.96
CA GLY A 109 37.99 -18.55 -30.03
C GLY A 109 37.21 -19.37 -29.04
N CYS A 110 37.74 -20.55 -28.71
CA CYS A 110 37.12 -21.48 -27.79
C CYS A 110 37.88 -21.49 -26.47
N ASP A 111 37.50 -22.43 -25.60
CA ASP A 111 38.10 -22.72 -24.29
C ASP A 111 37.74 -21.65 -23.27
N TYR A 112 37.06 -20.57 -23.64
CA TYR A 112 36.66 -19.59 -22.66
C TYR A 112 35.57 -18.66 -23.19
N ILE A 113 34.39 -18.71 -22.57
CA ILE A 113 33.43 -17.64 -22.64
C ILE A 113 32.81 -17.46 -21.26
N VAL A 114 32.79 -16.21 -20.78
CA VAL A 114 32.15 -15.88 -19.51
C VAL A 114 31.19 -14.74 -19.74
N LEU A 115 30.40 -14.44 -18.71
CA LEU A 115 29.14 -13.72 -18.86
C LEU A 115 29.06 -12.67 -17.75
N TRP A 116 29.59 -11.48 -18.04
CA TRP A 116 29.56 -10.39 -17.06
C TRP A 116 28.32 -9.52 -17.27
N LEU A 117 27.16 -10.16 -17.15
CA LEU A 117 25.88 -9.48 -17.33
C LEU A 117 25.22 -9.23 -15.99
N ASP A 118 24.01 -8.67 -16.02
CA ASP A 118 23.25 -8.45 -14.79
C ASP A 118 22.93 -9.78 -14.15
N CYS A 119 22.91 -9.80 -12.82
CA CYS A 119 22.71 -11.03 -12.06
C CYS A 119 21.25 -11.33 -11.78
N ASP A 120 20.34 -10.85 -12.62
CA ASP A 120 18.91 -11.08 -12.45
C ASP A 120 18.37 -11.94 -13.60
N LYS A 121 17.05 -12.14 -13.58
CA LYS A 121 16.40 -12.95 -14.60
C LYS A 121 16.57 -12.34 -15.99
N GLU A 122 16.52 -11.01 -16.07
CA GLU A 122 16.80 -10.35 -17.34
C GLU A 122 18.21 -10.68 -17.82
N GLY A 123 19.16 -10.69 -16.90
CA GLY A 123 20.52 -11.05 -17.25
C GLY A 123 20.62 -12.49 -17.75
N GLU A 124 19.87 -13.40 -17.12
CA GLU A 124 19.88 -14.79 -17.58
C GLU A 124 19.30 -14.90 -19.00
N ASN A 125 18.21 -14.18 -19.27
CA ASN A 125 17.65 -14.19 -20.61
C ASN A 125 18.66 -13.67 -21.63
N ILE A 126 19.27 -12.52 -21.34
CA ILE A 126 20.21 -11.93 -22.27
C ILE A 126 21.39 -12.87 -22.47
N CYS A 127 21.86 -13.51 -21.41
CA CYS A 127 23.04 -14.36 -21.54
C CYS A 127 22.73 -15.59 -22.37
N PHE A 128 21.56 -16.19 -22.20
CA PHE A 128 21.28 -17.36 -23.01
C PHE A 128 21.01 -16.98 -24.47
N GLU A 129 20.49 -15.78 -24.72
CA GLU A 129 20.43 -15.29 -26.10
C GLU A 129 21.83 -15.15 -26.69
N VAL A 130 22.76 -14.61 -25.90
CA VAL A 130 24.13 -14.43 -26.38
C VAL A 130 24.78 -15.79 -26.67
N LEU A 131 24.59 -16.76 -25.77
CA LEU A 131 25.14 -18.09 -26.01
C LEU A 131 24.53 -18.72 -27.26
N ASP A 132 23.22 -18.57 -27.45
CA ASP A 132 22.59 -19.08 -28.65
C ASP A 132 23.24 -18.46 -29.89
N ALA A 133 23.50 -17.16 -29.85
CA ALA A 133 24.11 -16.49 -30.99
C ALA A 133 25.57 -16.91 -31.20
N VAL A 134 26.28 -17.27 -30.13
CA VAL A 134 27.74 -17.38 -30.22
C VAL A 134 28.24 -18.81 -30.38
N LEU A 135 27.52 -19.80 -29.85
CA LEU A 135 27.99 -21.18 -29.96
C LEU A 135 28.15 -21.68 -31.40
N PRO A 136 27.21 -21.46 -32.32
CA PRO A 136 27.39 -22.05 -33.66
C PRO A 136 28.62 -21.57 -34.40
N VAL A 137 29.19 -20.43 -34.01
CA VAL A 137 30.35 -19.89 -34.71
C VAL A 137 31.66 -20.15 -33.97
N MET A 138 31.62 -20.43 -32.67
CA MET A 138 32.85 -20.64 -31.92
C MET A 138 33.56 -21.93 -32.38
N ASN A 139 34.82 -22.03 -31.98
CA ASN A 139 35.61 -23.21 -32.33
C ASN A 139 35.08 -24.45 -31.61
N LYS A 140 35.17 -25.59 -32.28
CA LYS A 140 34.67 -26.85 -31.74
C LYS A 140 35.49 -27.27 -30.53
N ALA A 141 34.81 -27.87 -29.56
CA ALA A 141 35.46 -28.39 -28.37
C ALA A 141 36.26 -29.63 -28.72
N HIS A 142 37.50 -29.69 -28.21
CA HIS A 142 38.40 -30.82 -28.47
C HIS A 142 38.31 -31.80 -27.30
N GLY A 143 37.51 -32.84 -27.49
CA GLY A 143 37.31 -33.79 -26.41
C GLY A 143 36.44 -33.22 -25.30
N GLY A 144 36.56 -33.82 -24.13
CA GLY A 144 35.81 -33.38 -22.97
C GLY A 144 36.40 -32.16 -22.30
N GLU A 145 35.63 -31.07 -22.26
CA GLU A 145 36.05 -29.83 -21.62
C GLU A 145 34.83 -28.95 -21.43
N LYS A 146 35.00 -27.92 -20.60
CA LYS A 146 33.95 -26.93 -20.35
C LYS A 146 34.35 -25.61 -20.98
N THR A 147 33.46 -25.05 -21.80
CA THR A 147 33.73 -23.81 -22.50
C THR A 147 32.89 -22.64 -22.02
N VAL A 148 31.72 -22.89 -21.45
CA VAL A 148 30.79 -21.84 -21.05
C VAL A 148 30.88 -21.64 -19.54
N PHE A 149 31.14 -20.41 -19.12
CA PHE A 149 31.25 -20.08 -17.71
C PHE A 149 30.44 -18.82 -17.45
N ARG A 150 30.09 -18.61 -16.18
CA ARG A 150 29.32 -17.43 -15.78
C ARG A 150 29.93 -16.82 -14.53
N ALA A 151 29.93 -15.49 -14.49
CA ALA A 151 30.45 -14.74 -13.36
C ALA A 151 29.31 -14.00 -12.66
N ARG A 152 29.32 -14.05 -11.33
CA ARG A 152 28.29 -13.43 -10.50
C ARG A 152 28.92 -12.34 -9.66
N PHE A 153 28.31 -11.15 -9.66
CA PHE A 153 28.85 -10.06 -8.88
C PHE A 153 27.74 -9.09 -8.52
N SER A 154 27.90 -8.41 -7.38
CA SER A 154 27.04 -7.30 -7.00
C SER A 154 27.76 -5.95 -7.11
N SER A 155 29.08 -5.96 -7.25
CA SER A 155 29.86 -4.75 -7.40
C SER A 155 31.05 -5.05 -8.30
N ILE A 156 31.62 -3.99 -8.88
CA ILE A 156 32.67 -4.15 -9.88
C ILE A 156 33.91 -3.36 -9.48
N THR A 157 34.13 -3.20 -8.17
CA THR A 157 35.30 -2.45 -7.71
C THR A 157 36.48 -3.38 -7.40
N ASP A 158 36.28 -4.38 -6.53
CA ASP A 158 37.33 -5.32 -6.20
C ASP A 158 36.86 -6.78 -6.14
N THR A 159 35.55 -7.04 -6.16
CA THR A 159 35.07 -8.41 -6.19
C THR A 159 35.36 -9.09 -7.52
N ASP A 160 35.74 -8.31 -8.54
CA ASP A 160 35.90 -8.85 -9.88
C ASP A 160 37.00 -9.89 -9.95
N ILE A 161 38.09 -9.70 -9.20
CA ILE A 161 39.19 -10.66 -9.25
C ILE A 161 38.74 -12.00 -8.66
N CYS A 162 38.06 -11.97 -7.52
CA CYS A 162 37.63 -13.23 -6.93
C CYS A 162 36.58 -13.91 -7.81
N ASN A 163 35.71 -13.14 -8.46
CA ASN A 163 34.81 -13.75 -9.44
C ASN A 163 35.58 -14.36 -10.59
N ALA A 164 36.63 -13.69 -11.06
CA ALA A 164 37.39 -14.19 -12.19
C ALA A 164 38.09 -15.51 -11.87
N MET A 165 38.67 -15.62 -10.68
CA MET A 165 39.33 -16.88 -10.35
C MET A 165 38.35 -17.93 -9.84
N ALA A 166 37.70 -17.67 -8.70
CA ALA A 166 36.95 -18.73 -8.03
C ALA A 166 35.52 -18.84 -8.55
N CYS A 167 34.75 -17.76 -8.46
CA CYS A 167 33.32 -17.80 -8.77
C CYS A 167 33.14 -17.82 -10.29
N LEU A 168 33.33 -19.00 -10.87
CA LEU A 168 33.11 -19.23 -12.30
C LEU A 168 32.15 -20.41 -12.44
N GLY A 169 30.85 -20.11 -12.40
CA GLY A 169 29.83 -21.12 -12.51
C GLY A 169 29.21 -21.17 -13.89
N GLU A 170 28.03 -21.79 -13.95
CA GLU A 170 27.28 -21.93 -15.19
C GLU A 170 25.98 -21.13 -15.12
N PRO A 171 25.43 -20.73 -16.27
CA PRO A 171 24.14 -20.04 -16.25
C PRO A 171 23.00 -20.98 -15.90
N ASP A 172 21.85 -20.43 -15.50
CA ASP A 172 20.70 -21.22 -15.04
C ASP A 172 19.54 -21.11 -16.02
N HIS A 173 19.41 -22.14 -16.85
CA HIS A 173 18.37 -22.17 -17.87
C HIS A 173 16.98 -22.19 -17.25
N ASN A 174 16.85 -22.78 -16.06
CA ASN A 174 15.55 -22.87 -15.41
C ASN A 174 15.00 -21.48 -15.09
N GLU A 175 15.83 -20.59 -14.55
CA GLU A 175 15.40 -19.23 -14.31
C GLU A 175 15.39 -18.39 -15.58
N ALA A 176 16.25 -18.70 -16.55
CA ALA A 176 16.26 -17.97 -17.82
C ALA A 176 15.02 -18.25 -18.64
N LEU A 177 14.33 -19.38 -18.39
CA LEU A 177 13.07 -19.65 -19.05
C LEU A 177 11.88 -18.99 -18.38
N SER A 178 11.99 -18.53 -17.14
CA SER A 178 10.87 -17.88 -16.48
C SER A 178 10.48 -16.59 -17.20
N VAL A 179 11.48 -15.79 -17.57
CA VAL A 179 11.21 -14.54 -18.28
C VAL A 179 10.68 -14.81 -19.68
N ASP A 180 11.18 -15.84 -20.35
CA ASP A 180 10.65 -16.20 -21.66
C ASP A 180 9.19 -16.63 -21.56
N ALA A 181 8.86 -17.43 -20.54
CA ALA A 181 7.48 -17.82 -20.32
C ALA A 181 6.62 -16.60 -20.01
N ARG A 182 7.13 -15.67 -19.21
CA ARG A 182 6.36 -14.46 -18.91
C ARG A 182 6.11 -13.65 -20.18
N GLN A 183 7.12 -13.50 -21.03
CA GLN A 183 6.94 -12.77 -22.28
C GLN A 183 5.90 -13.43 -23.17
N GLU A 184 5.99 -14.76 -23.31
CA GLU A 184 5.05 -15.46 -24.17
C GLU A 184 3.63 -15.37 -23.63
N LEU A 185 3.45 -15.64 -22.33
CA LEU A 185 2.14 -15.48 -21.72
C LEU A 185 1.60 -14.08 -21.92
N ASP A 186 2.39 -13.05 -21.60
CA ASP A 186 1.87 -11.70 -21.63
C ASP A 186 1.50 -11.29 -23.06
N LEU A 187 2.35 -11.64 -24.03
CA LEU A 187 2.07 -11.29 -25.42
C LEU A 187 0.82 -11.99 -25.93
N ARG A 188 0.67 -13.28 -25.61
CA ARG A 188 -0.49 -14.00 -26.13
C ARG A 188 -1.76 -13.60 -25.40
N ILE A 189 -1.66 -13.28 -24.11
CA ILE A 189 -2.83 -12.90 -23.33
C ILE A 189 -3.33 -11.54 -23.76
N GLY A 190 -2.43 -10.57 -23.89
CA GLY A 190 -2.72 -9.35 -24.63
C GLY A 190 -2.81 -9.67 -26.10
N CYS A 191 -2.68 -8.63 -26.91
CA CYS A 191 -2.72 -8.79 -28.36
C CYS A 191 -4.07 -9.37 -28.77
N ALA A 192 -4.37 -10.61 -28.38
CA ALA A 192 -5.63 -11.24 -28.77
C ALA A 192 -6.83 -10.51 -28.17
N PHE A 193 -6.80 -10.27 -26.85
CA PHE A 193 -7.92 -9.60 -26.19
C PHE A 193 -8.10 -8.18 -26.72
N THR A 194 -7.01 -7.44 -26.87
CA THR A 194 -7.13 -6.07 -27.35
C THR A 194 -7.57 -6.01 -28.80
N ARG A 195 -7.14 -6.98 -29.62
CA ARG A 195 -7.60 -7.04 -31.00
C ARG A 195 -9.09 -7.32 -31.07
N PHE A 196 -9.58 -8.27 -30.27
CA PHE A 196 -11.01 -8.54 -30.26
C PHE A 196 -11.79 -7.32 -29.80
N GLN A 197 -11.36 -6.69 -28.70
CA GLN A 197 -12.08 -5.54 -28.19
C GLN A 197 -12.06 -4.38 -29.19
N THR A 198 -10.93 -4.16 -29.85
CA THR A 198 -10.83 -3.06 -30.80
C THR A 198 -11.70 -3.31 -32.02
N LYS A 199 -11.63 -4.51 -32.61
CA LYS A 199 -12.47 -4.76 -33.78
C LYS A 199 -13.94 -4.88 -33.42
N TYR A 200 -14.28 -5.09 -32.15
CA TYR A 200 -15.69 -5.13 -31.80
C TYR A 200 -16.23 -3.74 -31.53
N PHE A 201 -15.51 -2.92 -30.77
CA PHE A 201 -16.01 -1.61 -30.39
C PHE A 201 -15.83 -0.56 -31.48
N GLN A 202 -14.98 -0.81 -32.46
CA GLN A 202 -14.80 0.13 -33.57
C GLN A 202 -15.81 -0.09 -34.69
N GLY A 203 -16.64 -1.12 -34.60
CA GLY A 203 -17.63 -1.38 -35.62
C GLY A 203 -19.04 -1.26 -35.09
N LYS A 204 -19.17 -0.97 -33.81
CA LYS A 204 -20.48 -0.86 -33.17
C LYS A 204 -20.78 0.52 -32.62
N TYR A 205 -19.77 1.30 -32.25
CA TYR A 205 -19.96 2.62 -31.67
C TYR A 205 -19.16 3.65 -32.46
N GLY A 206 -19.83 4.74 -32.85
CA GLY A 206 -19.17 5.74 -33.68
C GLY A 206 -18.08 6.50 -32.97
N ASP A 207 -18.31 6.86 -31.70
CA ASP A 207 -17.37 7.71 -30.98
C ASP A 207 -16.07 7.01 -30.63
N LEU A 208 -15.99 5.69 -30.79
CA LEU A 208 -14.78 4.94 -30.48
C LEU A 208 -13.95 4.63 -31.71
N ASP A 209 -14.29 5.20 -32.86
CA ASP A 209 -13.52 4.97 -34.08
C ASP A 209 -12.12 5.54 -33.91
N SER A 210 -11.13 4.87 -34.52
CA SER A 210 -9.73 5.26 -34.44
C SER A 210 -9.25 5.34 -33.00
N SER A 211 -9.79 4.48 -32.14
CA SER A 211 -9.40 4.40 -30.74
C SER A 211 -9.00 2.97 -30.43
N LEU A 212 -8.13 2.81 -29.44
CA LEU A 212 -7.58 1.51 -29.08
C LEU A 212 -8.08 1.12 -27.69
N ILE A 213 -8.70 -0.06 -27.61
CA ILE A 213 -9.13 -0.64 -26.35
C ILE A 213 -8.17 -1.77 -26.03
N SER A 214 -7.41 -1.62 -24.94
CA SER A 214 -6.31 -2.51 -24.63
C SER A 214 -6.60 -3.28 -23.34
N PHE A 215 -6.29 -4.58 -23.36
CA PHE A 215 -6.35 -5.41 -22.17
C PHE A 215 -4.98 -6.00 -21.91
N GLY A 216 -4.59 -6.03 -20.63
CA GLY A 216 -3.33 -6.60 -20.24
C GLY A 216 -3.31 -7.00 -18.79
N PRO A 217 -2.40 -7.89 -18.42
CA PRO A 217 -2.29 -8.34 -17.03
C PRO A 217 -1.90 -7.25 -16.04
N CYS A 218 -1.37 -6.13 -16.50
CA CYS A 218 -0.99 -5.05 -15.59
C CYS A 218 -1.79 -3.77 -15.82
N GLN A 219 -2.21 -3.51 -17.06
CA GLN A 219 -2.94 -2.29 -17.37
C GLN A 219 -4.37 -2.34 -16.83
N THR A 220 -5.04 -3.47 -17.05
CA THR A 220 -6.44 -3.58 -16.64
C THR A 220 -6.62 -3.54 -15.12
N PRO A 221 -5.86 -4.27 -14.31
CA PRO A 221 -5.99 -4.09 -12.85
C PRO A 221 -5.65 -2.68 -12.38
N THR A 222 -4.70 -2.03 -13.06
CA THR A 222 -4.38 -0.65 -12.75
C THR A 222 -5.60 0.25 -12.95
N LEU A 223 -6.31 0.05 -14.06
CA LEU A 223 -7.56 0.77 -14.26
C LEU A 223 -8.61 0.37 -13.23
N GLY A 224 -8.59 -0.90 -12.82
CA GLY A 224 -9.56 -1.39 -11.86
C GLY A 224 -9.43 -0.74 -10.49
N PHE A 225 -8.20 -0.42 -10.08
CA PHE A 225 -8.02 0.31 -8.83
C PHE A 225 -8.78 1.64 -8.85
N CYS A 226 -8.58 2.42 -9.92
CA CYS A 226 -9.27 3.70 -10.02
C CYS A 226 -10.78 3.51 -10.11
N VAL A 227 -11.22 2.47 -10.84
CA VAL A 227 -12.65 2.25 -10.97
C VAL A 227 -13.28 1.83 -9.64
N GLU A 228 -12.58 1.04 -8.83
CA GLU A 228 -13.16 0.67 -7.54
C GLU A 228 -13.19 1.86 -6.59
N ARG A 229 -12.18 2.75 -6.66
CA ARG A 229 -12.30 3.97 -5.88
C ARG A 229 -13.46 4.84 -6.38
N HIS A 230 -13.72 4.84 -7.68
CA HIS A 230 -14.88 5.54 -8.21
C HIS A 230 -16.18 4.94 -7.69
N ASP A 231 -16.24 3.61 -7.63
CA ASP A 231 -17.42 2.95 -7.07
C ASP A 231 -17.61 3.34 -5.62
N LYS A 232 -16.53 3.40 -4.84
CA LYS A 232 -16.64 3.82 -3.46
C LYS A 232 -17.09 5.27 -3.34
N ILE A 233 -16.58 6.15 -4.19
CA ILE A 233 -16.94 7.57 -4.08
C ILE A 233 -18.40 7.78 -4.45
N GLN A 234 -18.92 7.03 -5.43
CA GLN A 234 -20.34 7.18 -5.77
C GLN A 234 -21.24 6.21 -5.01
N SER A 235 -20.72 5.43 -4.09
CA SER A 235 -21.53 4.55 -3.25
C SER A 235 -21.35 4.89 -1.77
N PHE A 236 -21.36 6.18 -1.45
CA PHE A 236 -21.16 6.64 -0.09
C PHE A 236 -22.26 7.62 0.28
N LYS A 237 -22.80 7.47 1.48
CA LYS A 237 -23.82 8.38 2.01
C LYS A 237 -23.22 9.18 3.15
N PRO A 238 -23.19 10.50 3.08
CA PRO A 238 -22.67 11.30 4.20
C PRO A 238 -23.47 11.07 5.47
N GLU A 239 -22.77 11.05 6.60
CA GLU A 239 -23.37 10.86 7.90
C GLU A 239 -23.03 12.03 8.80
N THR A 240 -24.01 12.49 9.58
CA THR A 240 -23.84 13.64 10.45
C THR A 240 -23.36 13.19 11.82
N TYR A 241 -22.24 13.76 12.27
CA TYR A 241 -21.70 13.48 13.59
C TYR A 241 -21.38 14.79 14.30
N TRP A 242 -21.61 14.81 15.61
CA TRP A 242 -21.45 16.01 16.41
C TRP A 242 -20.21 15.88 17.28
N VAL A 243 -19.37 16.91 17.25
CA VAL A 243 -18.15 16.98 18.04
C VAL A 243 -18.27 18.15 18.99
N LEU A 244 -18.06 17.89 20.28
CA LEU A 244 -18.20 18.90 21.30
C LEU A 244 -16.85 19.53 21.57
N GLN A 245 -16.74 20.84 21.38
CA GLN A 245 -15.49 21.56 21.51
C GLN A 245 -15.63 22.67 22.53
N ALA A 246 -14.69 22.75 23.46
CA ALA A 246 -14.70 23.75 24.52
C ALA A 246 -13.33 24.39 24.64
N LYS A 247 -13.31 25.64 25.09
CA LYS A 247 -12.09 26.41 25.21
C LYS A 247 -11.99 26.98 26.61
N VAL A 248 -10.75 27.23 27.05
CA VAL A 248 -10.50 27.76 28.38
C VAL A 248 -9.60 28.98 28.26
N ASN A 249 -9.63 29.82 29.30
CA ASN A 249 -8.78 31.00 29.40
C ASN A 249 -7.70 30.72 30.42
N THR A 250 -6.45 30.65 29.97
CA THR A 250 -5.37 30.19 30.86
C THR A 250 -4.92 31.33 31.79
N ASP A 251 -4.33 32.38 31.23
CA ASP A 251 -3.87 33.49 32.07
C ASP A 251 -4.58 34.79 31.76
N LYS A 252 -4.45 35.34 30.55
CA LYS A 252 -5.14 36.58 30.21
C LYS A 252 -6.01 36.44 28.96
N ASP A 253 -5.43 36.12 27.82
CA ASP A 253 -6.18 35.92 26.58
C ASP A 253 -5.58 34.80 25.75
N ARG A 254 -4.99 33.80 26.39
CA ARG A 254 -4.33 32.73 25.65
C ARG A 254 -5.32 31.91 24.84
N SER A 255 -6.53 31.72 25.36
CA SER A 255 -7.63 31.05 24.65
C SER A 255 -7.21 29.66 24.18
N LEU A 256 -6.95 28.80 25.17
CA LEU A 256 -6.52 27.43 24.87
C LEU A 256 -7.70 26.61 24.39
N LEU A 257 -7.58 26.02 23.20
CA LEU A 257 -8.64 25.21 22.62
C LEU A 257 -8.38 23.74 22.90
N LEU A 258 -9.43 23.05 23.33
CA LEU A 258 -9.37 21.64 23.68
C LEU A 258 -10.20 20.82 22.70
N ASP A 259 -9.91 19.53 22.62
CA ASP A 259 -10.73 18.61 21.87
C ASP A 259 -11.22 17.48 22.77
N TRP A 260 -12.42 17.00 22.46
CA TRP A 260 -13.12 16.05 23.32
C TRP A 260 -12.38 14.72 23.40
N ASP A 261 -12.48 14.07 24.57
CA ASP A 261 -11.92 12.73 24.72
C ASP A 261 -12.62 11.75 23.79
N ARG A 262 -13.94 11.71 23.84
CA ARG A 262 -14.70 11.04 22.79
C ARG A 262 -14.74 11.93 21.55
N VAL A 263 -14.10 11.45 20.48
CA VAL A 263 -13.83 12.30 19.33
C VAL A 263 -15.11 12.68 18.58
N ARG A 264 -16.14 11.82 18.61
CA ARG A 264 -17.37 12.13 17.92
C ARG A 264 -18.53 11.36 18.56
N VAL A 265 -19.75 11.82 18.28
CA VAL A 265 -20.98 11.16 18.71
C VAL A 265 -21.96 11.19 17.56
N PHE A 266 -22.29 10.02 17.00
CA PHE A 266 -23.18 9.95 15.87
C PHE A 266 -24.64 9.92 16.30
N ASP A 267 -25.04 10.87 17.14
CA ASP A 267 -26.42 10.97 17.58
C ASP A 267 -26.66 12.39 18.06
N ARG A 268 -27.92 12.81 18.01
CA ARG A 268 -28.27 14.18 18.35
C ARG A 268 -28.59 14.36 19.83
N GLU A 269 -29.47 13.51 20.36
CA GLU A 269 -29.86 13.63 21.76
C GLU A 269 -28.69 13.37 22.69
N ILE A 270 -27.83 12.40 22.34
CA ILE A 270 -26.67 12.10 23.18
C ILE A 270 -25.72 13.29 23.22
N ALA A 271 -25.46 13.89 22.06
CA ALA A 271 -24.59 15.06 22.02
C ALA A 271 -25.20 16.22 22.79
N GLN A 272 -26.52 16.41 22.68
CA GLN A 272 -27.17 17.47 23.43
C GLN A 272 -27.07 17.21 24.93
N MET A 273 -27.18 15.95 25.36
CA MET A 273 -26.97 15.60 26.76
C MET A 273 -25.58 15.97 27.21
N PHE A 274 -24.57 15.55 26.44
CA PHE A 274 -23.19 15.81 26.83
C PHE A 274 -22.88 17.30 26.84
N LEU A 275 -23.60 18.09 26.03
CA LEU A 275 -23.49 19.54 26.14
C LEU A 275 -24.18 20.04 27.40
N ASN A 276 -25.34 19.47 27.74
CA ASN A 276 -26.09 19.93 28.90
C ASN A 276 -25.36 19.63 30.20
N MET A 277 -24.46 18.66 30.19
CA MET A 277 -23.65 18.41 31.37
C MET A 277 -22.43 19.32 31.46
N THR A 278 -22.21 20.19 30.48
CA THR A 278 -20.96 20.93 30.39
C THR A 278 -21.20 22.44 30.20
N LYS A 279 -22.35 22.80 29.63
CA LYS A 279 -22.58 24.18 29.22
C LYS A 279 -22.64 25.12 30.42
N LEU A 280 -23.47 24.78 31.41
CA LEU A 280 -23.75 25.72 32.49
C LEU A 280 -22.66 25.77 33.55
N GLU A 281 -21.64 24.93 33.45
CA GLU A 281 -20.57 24.89 34.45
C GLU A 281 -19.42 25.76 33.99
N LYS A 282 -18.94 26.62 34.90
CA LYS A 282 -18.09 27.76 34.54
C LYS A 282 -16.59 27.54 34.76
N GLU A 283 -16.20 26.53 35.52
CA GLU A 283 -14.78 26.30 35.81
C GLU A 283 -14.28 25.09 35.03
N ALA A 284 -12.97 24.85 35.13
CA ALA A 284 -12.38 23.67 34.53
C ALA A 284 -11.13 23.30 35.31
N GLN A 285 -11.04 22.03 35.69
CA GLN A 285 -9.87 21.55 36.42
C GLN A 285 -8.95 20.78 35.47
N VAL A 286 -7.77 20.45 35.97
CA VAL A 286 -6.79 19.70 35.20
C VAL A 286 -6.39 18.46 36.00
N GLU A 287 -6.34 17.31 35.32
CA GLU A 287 -6.09 16.04 35.99
C GLU A 287 -4.72 15.47 35.74
N ALA A 288 -4.17 15.62 34.53
CA ALA A 288 -2.89 15.02 34.20
C ALA A 288 -2.17 15.85 33.15
N THR A 289 -0.87 16.06 33.36
CA THR A 289 0.01 16.70 32.40
C THR A 289 1.17 15.77 32.12
N SER A 290 1.48 15.58 30.83
CA SER A 290 2.49 14.61 30.43
C SER A 290 3.42 15.27 29.42
N ARG A 291 4.71 15.29 29.74
CA ARG A 291 5.75 15.73 28.81
C ARG A 291 6.61 14.52 28.43
N LYS A 292 6.59 14.17 27.15
CA LYS A 292 7.29 12.97 26.70
C LYS A 292 8.14 13.32 25.48
N GLU A 293 9.35 12.76 25.45
CA GLU A 293 10.25 12.95 24.32
C GLU A 293 9.97 11.89 23.27
N LYS A 294 9.70 12.31 22.05
CA LYS A 294 9.42 11.39 20.95
C LYS A 294 10.28 11.77 19.75
N ALA A 295 10.52 10.78 18.89
CA ALA A 295 11.43 10.94 17.76
C ALA A 295 10.70 10.69 16.46
N LYS A 296 10.83 11.62 15.52
CA LYS A 296 10.37 11.44 14.15
C LYS A 296 11.52 10.82 13.37
N GLN A 297 11.34 9.60 12.90
CA GLN A 297 12.47 8.81 12.43
C GLN A 297 12.89 9.25 11.03
N ARG A 298 14.19 9.15 10.76
CA ARG A 298 14.75 9.63 9.52
C ARG A 298 14.26 8.81 8.33
N PRO A 299 14.30 9.37 7.13
CA PRO A 299 13.90 8.60 5.95
C PRO A 299 14.92 7.54 5.60
N LEU A 300 14.45 6.48 4.94
CA LEU A 300 15.32 5.43 4.44
C LEU A 300 16.01 5.88 3.16
N ALA A 301 16.86 5.00 2.63
CA ALA A 301 17.51 5.28 1.37
C ALA A 301 16.50 5.35 0.24
N LEU A 302 16.73 6.25 -0.70
CA LEU A 302 15.81 6.46 -1.81
C LEU A 302 15.78 5.25 -2.73
N ASN A 303 14.58 4.90 -3.19
CA ASN A 303 14.39 3.92 -4.26
C ASN A 303 13.45 4.51 -5.30
N THR A 304 13.29 3.80 -6.41
CA THR A 304 12.55 4.34 -7.54
C THR A 304 11.08 4.55 -7.19
N VAL A 305 10.49 3.64 -6.42
CA VAL A 305 9.08 3.76 -6.08
C VAL A 305 8.83 5.01 -5.25
N GLU A 306 9.63 5.21 -4.19
CA GLU A 306 9.42 6.36 -3.33
C GLU A 306 9.77 7.66 -4.05
N MET A 307 10.78 7.60 -4.95
CA MET A 307 11.10 8.78 -5.76
C MET A 307 9.92 9.17 -6.63
N LEU A 308 9.29 8.19 -7.28
CA LEU A 308 8.14 8.49 -8.12
C LEU A 308 6.97 9.02 -7.29
N ARG A 309 6.75 8.43 -6.11
CA ARG A 309 5.68 8.91 -5.24
C ARG A 309 5.90 10.36 -4.82
N VAL A 310 7.13 10.70 -4.45
CA VAL A 310 7.42 12.07 -4.03
C VAL A 310 7.33 13.03 -5.22
N ALA A 311 7.82 12.61 -6.39
CA ALA A 311 7.70 13.46 -7.58
C ALA A 311 6.24 13.71 -7.92
N SER A 312 5.38 12.71 -7.75
CA SER A 312 3.96 12.90 -8.04
C SER A 312 3.30 13.79 -6.99
N SER A 313 3.62 13.59 -5.71
CA SER A 313 2.91 14.28 -4.63
C SER A 313 3.44 15.70 -4.42
N SER A 314 4.72 15.83 -4.08
CA SER A 314 5.27 17.12 -3.68
C SER A 314 5.75 17.91 -4.90
N LEU A 315 6.63 17.30 -5.69
CA LEU A 315 7.23 18.02 -6.82
C LEU A 315 6.17 18.41 -7.86
N GLY A 316 5.21 17.53 -8.10
CA GLY A 316 4.19 17.80 -9.09
C GLY A 316 4.60 17.37 -10.48
N MET A 317 5.13 16.16 -10.59
CA MET A 317 5.61 15.62 -11.85
C MET A 317 5.03 14.24 -12.05
N GLY A 318 4.67 13.93 -13.30
CA GLY A 318 4.14 12.63 -13.63
C GLY A 318 5.19 11.55 -13.46
N PRO A 319 4.75 10.30 -13.33
CA PRO A 319 5.73 9.21 -13.14
C PRO A 319 6.65 9.02 -14.35
N GLN A 320 6.09 9.05 -15.56
CA GLN A 320 6.94 8.90 -16.74
C GLN A 320 7.90 10.07 -16.89
N HIS A 321 7.43 11.29 -16.60
CA HIS A 321 8.31 12.45 -16.65
C HIS A 321 9.44 12.33 -15.63
N ALA A 322 9.11 11.90 -14.42
CA ALA A 322 10.13 11.72 -13.39
C ALA A 322 11.14 10.65 -13.79
N MET A 323 10.66 9.54 -14.35
CA MET A 323 11.57 8.48 -14.77
C MET A 323 12.47 8.95 -15.91
N GLN A 324 11.91 9.70 -16.87
CA GLN A 324 12.72 10.22 -17.96
C GLN A 324 13.78 11.19 -17.45
N THR A 325 13.41 12.06 -16.52
CA THR A 325 14.38 12.99 -15.94
C THR A 325 15.48 12.25 -15.18
N ALA A 326 15.10 11.21 -14.43
CA ALA A 326 16.10 10.44 -13.71
C ALA A 326 17.03 9.72 -14.66
N GLU A 327 16.50 9.16 -15.76
CA GLU A 327 17.36 8.51 -16.74
C GLU A 327 18.30 9.49 -17.41
N ARG A 328 17.81 10.69 -17.72
CA ARG A 328 18.65 11.73 -18.29
C ARG A 328 19.77 12.13 -17.33
N LEU A 329 19.43 12.28 -16.05
CA LEU A 329 20.44 12.63 -15.05
C LEU A 329 21.48 11.53 -14.92
N TYR A 330 21.04 10.27 -14.93
CA TYR A 330 21.99 9.16 -14.86
C TYR A 330 22.89 9.12 -16.08
N THR A 331 22.33 9.40 -17.26
CA THR A 331 23.13 9.46 -18.47
C THR A 331 24.19 10.55 -18.37
N GLN A 332 23.81 11.71 -17.85
CA GLN A 332 24.81 12.77 -17.68
C GLN A 332 25.76 12.51 -16.51
N GLY A 333 25.42 11.57 -15.63
CA GLY A 333 26.30 11.19 -14.55
C GLY A 333 26.13 11.94 -13.25
N TYR A 334 25.04 12.69 -13.08
CA TYR A 334 24.84 13.41 -11.83
C TYR A 334 24.42 12.48 -10.70
N ILE A 335 23.53 11.53 -10.99
CA ILE A 335 23.05 10.60 -9.97
C ILE A 335 23.39 9.17 -10.38
N SER A 336 23.04 8.21 -9.52
CA SER A 336 23.34 6.81 -9.75
C SER A 336 22.22 6.18 -10.58
N PHE A 337 22.19 4.85 -10.65
CA PHE A 337 21.18 4.16 -11.43
C PHE A 337 19.80 4.44 -10.83
N PRO A 338 18.83 4.86 -11.64
CA PRO A 338 17.55 5.34 -11.12
C PRO A 338 16.45 4.30 -11.00
N ARG A 339 16.66 3.09 -11.52
CA ARG A 339 15.64 2.02 -11.34
C ARG A 339 16.19 0.95 -10.41
N THR A 340 16.00 1.15 -9.10
CA THR A 340 16.50 0.23 -8.08
C THR A 340 15.48 0.13 -6.97
N GLU A 341 15.25 -1.08 -6.43
CA GLU A 341 14.37 -1.26 -5.25
C GLU A 341 15.24 -1.75 -4.10
N THR A 342 16.09 -0.89 -3.57
CA THR A 342 17.08 -1.23 -2.54
C THR A 342 17.16 -0.05 -1.58
N THR A 343 16.47 -0.14 -0.46
CA THR A 343 16.51 0.89 0.57
C THR A 343 17.57 0.60 1.61
N HIS A 344 18.79 0.33 1.16
CA HIS A 344 19.89 -0.05 2.04
C HIS A 344 21.20 0.34 1.41
N TYR A 345 22.14 0.79 2.23
CA TYR A 345 23.39 1.17 1.59
C TYR A 345 24.40 0.03 1.65
N PRO A 346 25.19 -0.14 0.59
CA PRO A 346 26.24 -1.17 0.63
C PRO A 346 27.27 -0.86 1.71
N GLU A 347 27.91 -1.92 2.20
CA GLU A 347 28.88 -1.77 3.28
C GLU A 347 30.06 -0.90 2.86
N ASN A 348 30.58 -1.10 1.66
CA ASN A 348 31.72 -0.34 1.17
C ASN A 348 31.24 0.82 0.30
N PHE A 349 30.58 1.77 0.95
CA PHE A 349 30.06 2.96 0.29
C PHE A 349 30.77 4.18 0.83
N ASP A 350 31.18 5.07 -0.07
CA ASP A 350 31.90 6.30 0.30
C ASP A 350 30.88 7.39 0.67
N LEU A 351 30.21 7.17 1.80
CA LEU A 351 29.24 8.14 2.29
C LEU A 351 29.89 9.48 2.58
N LYS A 352 31.07 9.46 3.23
CA LYS A 352 31.75 10.71 3.54
C LYS A 352 32.15 11.45 2.28
N GLY A 353 32.64 10.73 1.27
CA GLY A 353 32.99 11.38 0.02
C GLY A 353 31.79 11.97 -0.70
N SER A 354 30.70 11.22 -0.76
CA SER A 354 29.49 11.72 -1.42
C SER A 354 28.94 12.94 -0.70
N LEU A 355 28.99 12.94 0.63
CA LEU A 355 28.53 14.13 1.38
C LEU A 355 29.49 15.29 1.22
N ARG A 356 30.80 15.02 1.09
CA ARG A 356 31.77 16.09 0.95
C ARG A 356 31.70 16.74 -0.42
N GLN A 357 31.28 15.98 -1.44
CA GLN A 357 31.08 16.59 -2.76
C GLN A 357 30.05 17.70 -2.69
N GLN A 358 29.01 17.53 -1.88
CA GLN A 358 27.95 18.53 -1.74
C GLN A 358 28.23 19.48 -0.58
N ALA A 359 29.42 20.08 -0.58
CA ALA A 359 29.81 21.01 0.48
C ALA A 359 30.11 22.40 -0.05
N ASN A 360 29.77 22.69 -1.30
CA ASN A 360 30.02 23.99 -1.90
C ASN A 360 28.77 24.53 -2.58
N HIS A 361 27.60 24.21 -2.04
CA HIS A 361 26.33 24.69 -2.54
C HIS A 361 25.67 25.57 -1.48
N PRO A 362 25.19 26.76 -1.81
CA PRO A 362 24.73 27.69 -0.78
C PRO A 362 23.40 27.32 -0.15
N TYR A 363 22.87 26.13 -0.47
CA TYR A 363 21.68 25.63 0.18
C TYR A 363 21.98 24.57 1.24
N TRP A 364 23.07 23.82 1.09
CA TRP A 364 23.42 22.74 2.01
C TRP A 364 24.82 22.88 2.59
N ALA A 365 25.51 23.99 2.33
CA ALA A 365 26.91 24.09 2.70
C ALA A 365 27.09 24.02 4.22
N ASP A 366 26.34 24.84 4.96
CA ASP A 366 26.49 24.88 6.41
C ASP A 366 26.12 23.55 7.04
N THR A 367 25.00 22.96 6.60
CA THR A 367 24.56 21.68 7.18
C THR A 367 25.57 20.58 6.90
N VAL A 368 26.07 20.51 5.66
CA VAL A 368 27.02 19.46 5.31
C VAL A 368 28.33 19.64 6.07
N LYS A 369 28.81 20.88 6.18
CA LYS A 369 30.05 21.11 6.91
C LYS A 369 29.90 20.75 8.38
N ARG A 370 28.80 21.15 9.00
CA ARG A 370 28.57 20.80 10.41
C ARG A 370 28.45 19.29 10.58
N LEU A 371 27.78 18.62 9.65
CA LEU A 371 27.61 17.17 9.74
C LEU A 371 28.96 16.47 9.62
N LEU A 372 29.80 16.91 8.69
CA LEU A 372 31.12 16.30 8.54
C LEU A 372 31.99 16.56 9.76
N ALA A 373 31.89 17.75 10.36
CA ALA A 373 32.69 18.04 11.54
C ALA A 373 32.24 17.18 12.73
N GLU A 374 30.93 17.15 13.01
CA GLU A 374 30.45 16.46 14.20
C GLU A 374 30.53 14.95 14.04
N GLY A 375 30.09 14.45 12.90
CA GLY A 375 30.00 13.02 12.67
C GLY A 375 28.74 12.70 11.89
N ILE A 376 28.73 11.51 11.30
CA ILE A 376 27.61 11.06 10.48
C ILE A 376 26.99 9.83 11.14
N ASN A 377 25.66 9.83 11.27
CA ASN A 377 24.96 8.67 11.78
C ASN A 377 24.88 7.59 10.72
N ARG A 378 24.91 6.35 11.18
CA ARG A 378 24.74 5.23 10.26
C ARG A 378 23.33 5.24 9.70
N PRO A 379 23.16 5.01 8.40
CA PRO A 379 21.82 5.01 7.82
C PRO A 379 20.98 3.85 8.34
N ARG A 380 19.67 4.05 8.26
CA ARG A 380 18.73 3.02 8.69
C ARG A 380 18.91 1.75 7.87
N LYS A 381 18.83 0.60 8.55
CA LYS A 381 18.88 -0.68 7.86
C LYS A 381 17.58 -0.89 7.10
N GLY A 382 17.69 -1.27 5.83
CA GLY A 382 16.52 -1.44 5.00
C GLY A 382 16.43 -2.81 4.36
N HIS A 383 15.54 -2.94 3.37
CA HIS A 383 15.31 -4.21 2.69
C HIS A 383 16.18 -4.26 1.44
N ASP A 384 17.34 -4.89 1.56
CA ASP A 384 18.22 -5.07 0.42
C ASP A 384 17.63 -6.09 -0.55
N ALA A 385 17.90 -5.87 -1.85
CA ALA A 385 17.43 -6.77 -2.88
C ALA A 385 18.50 -7.17 -3.89
N GLY A 386 19.68 -6.56 -3.85
CA GLY A 386 20.76 -6.90 -4.75
C GLY A 386 20.66 -6.28 -6.13
N ASP A 387 19.63 -5.48 -6.40
CA ASP A 387 19.47 -4.84 -7.70
C ASP A 387 19.93 -3.39 -7.63
N HIS A 388 21.26 -3.21 -7.73
CA HIS A 388 21.93 -1.92 -7.82
C HIS A 388 21.79 -1.12 -6.52
N PRO A 389 22.65 -0.13 -6.26
CA PRO A 389 22.56 0.64 -5.02
C PRO A 389 21.47 1.69 -5.10
N PRO A 390 21.04 2.25 -3.97
CA PRO A 390 20.00 3.27 -4.00
C PRO A 390 20.44 4.54 -4.69
N ILE A 391 19.47 5.36 -5.06
CA ILE A 391 19.72 6.59 -5.81
C ILE A 391 20.46 7.57 -4.90
N THR A 392 21.68 7.94 -5.29
CA THR A 392 22.49 8.89 -4.54
C THR A 392 23.16 9.84 -5.51
N PRO A 393 23.40 11.08 -5.09
CA PRO A 393 24.15 12.02 -5.94
C PRO A 393 25.58 11.53 -6.16
N MET A 394 26.10 11.83 -7.35
CA MET A 394 27.45 11.43 -7.71
C MET A 394 28.31 12.59 -8.21
N LYS A 395 27.78 13.80 -8.28
CA LYS A 395 28.54 14.94 -8.78
C LYS A 395 27.84 16.21 -8.32
N SER A 396 28.63 17.25 -8.08
CA SER A 396 28.07 18.53 -7.66
C SER A 396 27.31 19.18 -8.81
N ALA A 397 26.16 19.76 -8.49
CA ALA A 397 25.31 20.39 -9.49
C ALA A 397 24.83 21.74 -8.99
N THR A 398 24.49 22.61 -9.94
CA THR A 398 24.08 23.97 -9.64
C THR A 398 22.97 24.37 -10.61
N GLU A 399 22.26 25.44 -10.26
CA GLU A 399 21.17 25.93 -11.09
C GLU A 399 21.60 26.19 -12.53
N ALA A 400 22.83 26.65 -12.72
CA ALA A 400 23.25 27.09 -14.05
C ALA A 400 23.36 25.92 -15.03
N GLU A 401 24.03 24.84 -14.62
CA GLU A 401 24.30 23.75 -15.53
C GLU A 401 23.11 22.84 -15.77
N LEU A 402 22.06 22.94 -14.95
CA LEU A 402 20.83 22.21 -15.19
C LEU A 402 19.70 22.92 -14.46
N GLY A 403 18.56 23.06 -15.13
CA GLY A 403 17.45 23.80 -14.58
C GLY A 403 16.12 23.17 -14.94
N GLY A 404 15.10 23.53 -14.17
CA GLY A 404 13.78 23.01 -14.39
C GLY A 404 13.50 21.74 -13.61
N ASP A 405 12.86 20.77 -14.28
CA ASP A 405 12.53 19.51 -13.64
C ASP A 405 13.77 18.75 -13.22
N ALA A 406 14.85 18.85 -14.01
CA ALA A 406 16.10 18.17 -13.65
C ALA A 406 16.61 18.65 -12.30
N TRP A 407 16.66 19.97 -12.11
CA TRP A 407 17.12 20.50 -10.84
C TRP A 407 16.13 20.21 -9.73
N ARG A 408 14.83 20.24 -10.04
CA ARG A 408 13.83 20.00 -9.00
C ARG A 408 13.87 18.56 -8.50
N LEU A 409 14.31 17.63 -9.35
CA LEU A 409 14.48 16.26 -8.89
C LEU A 409 15.83 16.06 -8.21
N TYR A 410 16.87 16.71 -8.72
CA TYR A 410 18.19 16.59 -8.12
C TYR A 410 18.20 17.15 -6.70
N GLU A 411 17.48 18.25 -6.47
CA GLU A 411 17.39 18.80 -5.12
C GLU A 411 16.79 17.80 -4.16
N TYR A 412 15.69 17.15 -4.56
CA TYR A 412 15.07 16.16 -3.68
C TYR A 412 16.00 14.99 -3.42
N ILE A 413 16.69 14.52 -4.46
CA ILE A 413 17.60 13.38 -4.27
C ILE A 413 18.70 13.73 -3.29
N THR A 414 19.32 14.90 -3.48
CA THR A 414 20.41 15.32 -2.60
C THR A 414 19.92 15.52 -1.17
N ARG A 415 18.75 16.14 -1.00
CA ARG A 415 18.23 16.38 0.34
C ARG A 415 17.84 15.07 1.03
N HIS A 416 17.31 14.11 0.27
CA HIS A 416 17.01 12.80 0.84
C HIS A 416 18.28 12.10 1.30
N PHE A 417 19.34 12.18 0.50
CA PHE A 417 20.61 11.58 0.89
C PHE A 417 21.15 12.21 2.17
N ILE A 418 21.14 13.55 2.23
CA ILE A 418 21.66 14.24 3.41
C ILE A 418 20.82 13.91 4.63
N ALA A 419 19.49 13.85 4.47
CA ALA A 419 18.62 13.49 5.58
C ALA A 419 18.89 12.07 6.07
N THR A 420 19.13 11.14 5.14
CA THR A 420 19.46 9.78 5.53
C THR A 420 20.75 9.75 6.33
N VAL A 421 21.73 10.57 5.94
CA VAL A 421 22.98 10.63 6.70
C VAL A 421 22.84 11.39 8.02
N SER A 422 21.90 12.33 8.11
CA SER A 422 21.85 13.27 9.23
C SER A 422 21.24 12.60 10.47
N HIS A 423 20.98 13.41 11.49
CA HIS A 423 20.46 12.93 12.77
C HIS A 423 18.95 12.74 12.70
N ASP A 424 18.33 12.57 13.86
CA ASP A 424 16.91 12.28 13.99
C ASP A 424 16.21 13.45 14.66
N CYS A 425 14.96 13.67 14.26
CA CYS A 425 14.16 14.74 14.86
C CYS A 425 13.71 14.36 16.26
N LYS A 426 13.68 15.34 17.15
CA LYS A 426 13.23 15.15 18.52
C LYS A 426 12.25 16.26 18.88
N TYR A 427 11.11 15.90 19.46
CA TYR A 427 10.12 16.87 19.86
C TYR A 427 9.43 16.45 21.15
N LEU A 428 9.10 17.43 21.96
CA LEU A 428 8.34 17.24 23.20
C LEU A 428 6.86 17.27 22.83
N GLN A 429 6.17 16.18 23.14
CA GLN A 429 4.73 16.12 23.00
C GLN A 429 4.08 16.36 24.35
N SER A 430 3.52 17.55 24.54
CA SER A 430 2.92 17.94 25.80
C SER A 430 1.41 17.81 25.69
N THR A 431 0.84 16.94 26.51
CA THR A 431 -0.59 16.72 26.55
C THR A 431 -1.13 17.09 27.91
N ILE A 432 -2.20 17.87 27.91
CA ILE A 432 -2.83 18.35 29.13
C ILE A 432 -4.28 17.88 29.11
N SER A 433 -4.73 17.29 30.22
CA SER A 433 -6.08 16.71 30.30
C SER A 433 -6.93 17.56 31.24
N PHE A 434 -7.97 18.17 30.69
CA PHE A 434 -8.90 18.98 31.45
C PHE A 434 -10.17 18.21 31.76
N ARG A 435 -10.85 18.65 32.81
CA ARG A 435 -12.15 18.13 33.20
C ARG A 435 -13.10 19.31 33.35
N ILE A 436 -14.21 19.29 32.62
CA ILE A 436 -15.10 20.44 32.58
C ILE A 436 -16.47 19.96 33.06
N GLY A 437 -16.46 19.04 34.01
CA GLY A 437 -17.68 18.46 34.52
C GLY A 437 -17.56 16.95 34.49
N PRO A 438 -18.66 16.24 34.29
CA PRO A 438 -18.55 14.81 34.00
C PRO A 438 -18.06 14.57 32.59
N GLU A 439 -17.05 15.32 32.17
CA GLU A 439 -16.54 15.25 30.80
C GLU A 439 -15.06 15.62 30.79
N LEU A 440 -14.30 14.88 30.00
CA LEU A 440 -12.85 15.02 29.88
C LEU A 440 -12.49 15.55 28.51
N PHE A 441 -11.56 16.49 28.47
CA PHE A 441 -11.03 17.05 27.23
C PHE A 441 -9.52 16.98 27.28
N THR A 442 -8.87 17.12 26.13
CA THR A 442 -7.42 17.10 26.09
C THR A 442 -6.92 18.14 25.11
N CYS A 443 -5.66 18.55 25.32
CA CYS A 443 -4.98 19.47 24.42
C CYS A 443 -3.54 19.00 24.24
N SER A 444 -3.11 18.91 22.99
CA SER A 444 -1.79 18.39 22.65
C SER A 444 -1.00 19.45 21.91
N GLY A 445 0.29 19.53 22.21
CA GLY A 445 1.18 20.44 21.54
C GLY A 445 2.54 19.81 21.32
N LYS A 446 3.24 20.30 20.31
CA LYS A 446 4.55 19.79 19.93
C LYS A 446 5.56 20.93 19.97
N THR A 447 6.72 20.67 20.57
CA THR A 447 7.79 21.64 20.64
C THR A 447 9.10 20.98 20.25
N VAL A 448 9.72 21.47 19.17
CA VAL A 448 10.94 20.84 18.67
C VAL A 448 12.07 21.05 19.67
N LEU A 449 13.03 20.12 19.66
CA LEU A 449 14.19 20.19 20.54
C LEU A 449 15.51 20.22 19.78
N SER A 450 15.64 19.41 18.72
CA SER A 450 16.86 19.37 17.93
C SER A 450 16.49 18.98 16.51
N PRO A 451 16.26 19.96 15.64
CA PRO A 451 15.89 19.65 14.25
C PRO A 451 17.02 18.94 13.53
N GLY A 452 16.78 17.70 13.14
CA GLY A 452 17.78 16.91 12.44
C GLY A 452 17.59 16.96 10.94
N PHE A 453 17.05 15.89 10.37
CA PHE A 453 16.76 15.87 8.95
C PHE A 453 15.76 16.95 8.56
N THR A 454 15.00 17.46 9.53
CA THR A 454 14.13 18.60 9.29
C THR A 454 14.90 19.77 8.68
N GLU A 455 16.16 19.95 9.08
CA GLU A 455 16.96 21.05 8.57
C GLU A 455 17.24 20.94 7.07
N VAL A 456 17.12 19.73 6.49
CA VAL A 456 17.37 19.55 5.06
C VAL A 456 16.13 19.15 4.29
N MET A 457 15.02 18.87 4.97
CA MET A 457 13.73 18.64 4.31
C MET A 457 12.66 19.49 4.98
N PRO A 458 12.65 20.80 4.73
CA PRO A 458 11.67 21.67 5.40
C PRO A 458 10.26 21.47 4.87
N TRP A 459 9.87 20.21 4.73
CA TRP A 459 8.47 19.85 4.53
C TRP A 459 8.08 18.65 5.39
N GLN A 460 9.02 18.05 6.12
CA GLN A 460 8.72 17.08 7.15
C GLN A 460 8.84 17.70 8.54
N SER A 461 8.83 19.03 8.62
CA SER A 461 9.05 19.72 9.88
C SER A 461 7.84 19.60 10.79
N VAL A 462 8.08 19.73 12.09
CA VAL A 462 7.00 19.82 13.06
C VAL A 462 6.45 21.24 13.05
N PRO A 463 5.14 21.42 12.88
CA PRO A 463 4.58 22.78 12.84
C PRO A 463 4.83 23.51 14.15
N LEU A 464 4.95 24.83 14.05
CA LEU A 464 5.28 25.68 15.20
C LEU A 464 4.01 26.03 15.95
N GLU A 465 3.82 25.42 17.11
CA GLU A 465 2.76 25.80 18.03
C GLU A 465 3.29 26.78 19.07
N GLU A 466 2.36 27.47 19.73
CA GLU A 466 2.70 28.51 20.68
C GLU A 466 2.84 27.99 22.10
N SER A 467 3.22 26.72 22.27
CA SER A 467 3.53 26.13 23.56
C SER A 467 2.29 25.98 24.44
N LEU A 468 2.42 25.27 25.55
CA LEU A 468 1.32 25.03 26.47
C LEU A 468 1.69 25.53 27.86
N PRO A 469 0.71 25.98 28.64
CA PRO A 469 1.00 26.45 30.00
C PRO A 469 1.45 25.30 30.90
N THR A 470 2.26 25.66 31.91
CA THR A 470 2.77 24.70 32.87
C THR A 470 1.78 24.60 34.02
N CYS A 471 0.85 23.65 33.92
CA CYS A 471 -0.15 23.43 34.94
C CYS A 471 0.30 22.34 35.91
N GLN A 472 0.04 22.57 37.20
CA GLN A 472 0.53 21.70 38.25
C GLN A 472 -0.56 20.86 38.90
N ARG A 473 -1.68 20.64 38.19
CA ARG A 473 -2.82 19.87 38.66
C ARG A 473 -3.58 20.62 39.74
N GLY A 474 -4.91 20.54 39.73
CA GLY A 474 -5.71 21.29 40.67
C GLY A 474 -5.99 22.71 40.27
N ASP A 475 -5.76 23.08 39.01
CA ASP A 475 -6.03 24.43 38.56
C ASP A 475 -7.53 24.66 38.44
N ALA A 476 -7.90 25.92 38.25
CA ALA A 476 -9.29 26.37 38.22
C ALA A 476 -9.53 27.29 37.04
N PHE A 477 -9.13 26.85 35.86
CA PHE A 477 -9.17 27.72 34.70
C PHE A 477 -10.60 28.05 34.31
N PRO A 478 -10.95 29.31 34.08
CA PRO A 478 -12.28 29.64 33.57
C PRO A 478 -12.49 29.11 32.15
N VAL A 479 -13.75 28.81 31.85
CA VAL A 479 -14.12 28.25 30.57
C VAL A 479 -14.75 29.33 29.70
N GLY A 480 -14.92 29.03 28.42
CA GLY A 480 -15.55 29.98 27.51
C GLY A 480 -16.91 29.51 27.05
N GLU A 481 -17.04 29.26 25.75
CA GLU A 481 -18.31 28.88 25.14
C GLU A 481 -18.19 27.45 24.64
N VAL A 482 -18.71 26.51 25.42
CA VAL A 482 -18.71 25.10 25.02
C VAL A 482 -19.75 24.93 23.91
N LYS A 483 -19.27 24.69 22.70
CA LYS A 483 -20.12 24.64 21.51
C LYS A 483 -20.15 23.24 20.93
N MET A 484 -21.33 22.84 20.45
CA MET A 484 -21.50 21.56 19.79
C MET A 484 -21.38 21.78 18.29
N LEU A 485 -20.25 21.37 17.72
CA LEU A 485 -19.99 21.52 16.29
C LEU A 485 -20.66 20.40 15.52
N GLU A 486 -21.25 20.75 14.38
CA GLU A 486 -21.91 19.80 13.51
C GLU A 486 -21.04 19.55 12.29
N LYS A 487 -20.81 18.27 11.97
CA LYS A 487 -19.89 17.91 10.91
C LYS A 487 -20.47 16.77 10.09
N GLN A 488 -19.95 16.63 8.87
CA GLN A 488 -20.34 15.59 7.93
C GLN A 488 -19.11 14.77 7.56
N THR A 489 -19.28 13.46 7.43
CA THR A 489 -18.19 12.61 6.99
C THR A 489 -17.82 12.93 5.54
N ASN A 490 -16.54 13.03 5.26
CA ASN A 490 -16.08 13.45 3.94
C ASN A 490 -15.87 12.23 3.05
N PRO A 491 -16.43 12.22 1.83
CA PRO A 491 -16.24 11.07 0.95
C PRO A 491 -14.79 10.98 0.51
N PRO A 492 -14.29 9.76 0.27
CA PRO A 492 -12.92 9.61 -0.20
C PRO A 492 -12.74 10.22 -1.59
N ASP A 493 -11.55 10.72 -1.85
CA ASP A 493 -11.23 11.34 -3.13
C ASP A 493 -10.53 10.34 -4.03
N TYR A 494 -10.42 10.69 -5.31
CA TYR A 494 -9.88 9.79 -6.30
C TYR A 494 -8.42 9.45 -5.99
N LEU A 495 -7.96 8.34 -6.55
CA LEU A 495 -6.60 7.87 -6.29
C LEU A 495 -5.57 8.88 -6.78
N THR A 496 -4.60 9.17 -5.93
CA THR A 496 -3.42 9.90 -6.36
C THR A 496 -2.42 8.93 -6.98
N GLU A 497 -1.47 9.48 -7.73
CA GLU A 497 -0.48 8.65 -8.39
C GLU A 497 0.39 7.93 -7.38
N ALA A 498 0.70 8.59 -6.26
CA ALA A 498 1.47 7.94 -5.21
C ALA A 498 0.72 6.73 -4.63
N GLU A 499 -0.58 6.90 -4.39
CA GLU A 499 -1.37 5.79 -3.87
C GLU A 499 -1.45 4.66 -4.88
N LEU A 500 -1.59 4.99 -6.17
CA LEU A 500 -1.63 3.95 -7.18
C LEU A 500 -0.31 3.19 -7.25
N ILE A 501 0.81 3.91 -7.15
CA ILE A 501 2.12 3.25 -7.17
C ILE A 501 2.28 2.35 -5.94
N THR A 502 1.80 2.82 -4.78
CA THR A 502 1.83 1.99 -3.59
C THR A 502 1.01 0.72 -3.77
N LEU A 503 -0.16 0.83 -4.40
CA LEU A 503 -0.98 -0.35 -4.65
C LEU A 503 -0.28 -1.31 -5.62
N MET A 504 0.35 -0.76 -6.67
CA MET A 504 1.12 -1.58 -7.58
C MET A 504 2.20 -2.37 -6.84
N GLU A 505 2.98 -1.68 -6.00
CA GLU A 505 4.06 -2.35 -5.28
C GLU A 505 3.51 -3.39 -4.33
N LYS A 506 2.42 -3.08 -3.63
CA LYS A 506 1.85 -4.03 -2.68
C LYS A 506 1.34 -5.28 -3.37
N HIS A 507 0.65 -5.13 -4.50
CA HIS A 507 0.08 -6.26 -5.20
C HIS A 507 1.01 -6.86 -6.25
N GLY A 508 2.21 -6.32 -6.40
CA GLY A 508 3.16 -6.89 -7.34
C GLY A 508 2.86 -6.64 -8.80
N ILE A 509 1.93 -5.74 -9.10
CA ILE A 509 1.54 -5.45 -10.47
C ILE A 509 2.55 -4.46 -11.04
N GLY A 510 3.32 -4.89 -12.03
CA GLY A 510 4.35 -4.06 -12.61
C GLY A 510 5.67 -4.17 -11.86
N THR A 511 6.69 -3.60 -12.47
CA THR A 511 8.05 -3.64 -11.93
C THR A 511 8.55 -2.20 -11.73
N ASP A 512 9.82 -2.09 -11.35
CA ASP A 512 10.41 -0.78 -11.05
C ASP A 512 10.49 0.12 -12.27
N ALA A 513 10.47 -0.45 -13.48
CA ALA A 513 10.57 0.33 -14.70
C ALA A 513 9.30 0.35 -15.52
N SER A 514 8.29 -0.46 -15.16
CA SER A 514 7.06 -0.53 -15.93
C SER A 514 5.89 0.17 -15.26
N ILE A 515 6.02 0.58 -14.00
CA ILE A 515 4.94 1.31 -13.34
C ILE A 515 4.65 2.64 -14.06
N PRO A 516 5.63 3.50 -14.35
CA PRO A 516 5.31 4.72 -15.10
C PRO A 516 4.74 4.43 -16.48
N VAL A 517 5.21 3.36 -17.13
CA VAL A 517 4.71 3.04 -18.46
C VAL A 517 3.24 2.63 -18.38
N HIS A 518 2.87 1.83 -17.38
CA HIS A 518 1.49 1.42 -17.23
C HIS A 518 0.60 2.62 -16.90
N ILE A 519 1.06 3.50 -16.01
CA ILE A 519 0.25 4.67 -15.67
C ILE A 519 0.06 5.57 -16.89
N ASN A 520 1.13 5.82 -17.63
CA ASN A 520 1.02 6.63 -18.84
C ASN A 520 0.15 5.95 -19.88
N ASN A 521 0.17 4.62 -19.96
CA ASN A 521 -0.67 3.91 -20.91
C ASN A 521 -2.14 4.07 -20.57
N ILE A 522 -2.50 3.87 -19.30
CA ILE A 522 -3.90 4.06 -18.92
C ILE A 522 -4.30 5.52 -19.04
N CYS A 523 -3.35 6.46 -18.97
CA CYS A 523 -3.69 7.86 -19.20
C CYS A 523 -3.90 8.17 -20.66
N GLN A 524 -3.10 7.57 -21.56
CA GLN A 524 -3.16 7.91 -22.97
C GLN A 524 -4.19 7.10 -23.75
N ARG A 525 -4.64 5.96 -23.22
CA ARG A 525 -5.71 5.20 -23.84
C ARG A 525 -7.09 5.79 -23.56
N ASN A 526 -7.14 6.99 -22.99
CA ASN A 526 -8.40 7.64 -22.59
C ASN A 526 -9.19 6.74 -21.64
N TYR A 527 -8.50 6.23 -20.62
CA TYR A 527 -9.14 5.49 -19.54
C TYR A 527 -9.24 6.29 -18.26
N VAL A 528 -8.20 7.06 -17.93
CA VAL A 528 -8.19 7.93 -16.76
C VAL A 528 -7.71 9.31 -17.19
N THR A 529 -8.09 10.31 -16.39
CA THR A 529 -7.68 11.68 -16.62
C THR A 529 -6.98 12.21 -15.37
N VAL A 530 -5.88 12.93 -15.58
CA VAL A 530 -5.16 13.55 -14.47
C VAL A 530 -5.82 14.87 -14.13
N GLU A 531 -6.15 15.06 -12.86
CA GLU A 531 -6.90 16.21 -12.40
C GLU A 531 -6.35 16.71 -11.08
N SER A 532 -6.21 18.03 -10.96
CA SER A 532 -5.82 18.70 -9.73
C SER A 532 -4.52 18.13 -9.16
N GLY A 533 -4.57 17.68 -7.91
CA GLY A 533 -3.39 17.16 -7.24
C GLY A 533 -3.01 15.77 -7.68
N ARG A 534 -2.80 15.59 -8.99
CA ARG A 534 -2.38 14.31 -9.57
C ARG A 534 -3.37 13.19 -9.20
N ARG A 535 -4.66 13.49 -9.31
CA ARG A 535 -5.70 12.52 -9.06
C ARG A 535 -6.12 11.89 -10.38
N LEU A 536 -6.22 10.57 -10.40
CA LEU A 536 -6.56 9.83 -11.61
C LEU A 536 -8.06 9.54 -11.60
N LYS A 537 -8.82 10.45 -12.21
CA LYS A 537 -10.26 10.28 -12.28
C LYS A 537 -10.61 9.34 -13.44
N PRO A 538 -11.28 8.22 -13.19
CA PRO A 538 -11.65 7.33 -14.28
C PRO A 538 -12.67 7.98 -15.21
N THR A 539 -12.59 7.63 -16.48
CA THR A 539 -13.52 8.13 -17.49
C THR A 539 -14.60 7.08 -17.75
N ASN A 540 -15.54 7.43 -18.63
CA ASN A 540 -16.64 6.53 -18.94
C ASN A 540 -16.13 5.23 -19.54
N LEU A 541 -15.10 5.31 -20.38
CA LEU A 541 -14.53 4.10 -20.97
C LEU A 541 -13.97 3.18 -19.89
N GLY A 542 -13.25 3.73 -18.92
CA GLY A 542 -12.72 2.91 -17.85
C GLY A 542 -13.80 2.30 -16.99
N ILE A 543 -14.82 3.10 -16.64
CA ILE A 543 -15.93 2.58 -15.84
C ILE A 543 -16.61 1.42 -16.56
N VAL A 544 -16.95 1.62 -17.84
CA VAL A 544 -17.67 0.57 -18.55
C VAL A 544 -16.81 -0.66 -18.72
N LEU A 545 -15.51 -0.48 -18.99
CA LEU A 545 -14.63 -1.63 -19.17
C LEU A 545 -14.53 -2.46 -17.89
N VAL A 546 -14.23 -1.80 -16.76
CA VAL A 546 -14.02 -2.55 -15.54
C VAL A 546 -15.33 -3.15 -15.02
N HIS A 547 -16.44 -2.41 -15.14
CA HIS A 547 -17.71 -2.97 -14.71
C HIS A 547 -18.13 -4.16 -15.57
N GLY A 548 -17.93 -4.08 -16.88
CA GLY A 548 -18.22 -5.22 -17.74
C GLY A 548 -17.33 -6.40 -17.41
N TYR A 549 -16.06 -6.14 -17.09
CA TYR A 549 -15.17 -7.22 -16.69
C TYR A 549 -15.65 -7.88 -15.40
N TYR A 550 -16.13 -7.07 -14.45
CA TYR A 550 -16.69 -7.63 -13.22
C TYR A 550 -17.91 -8.50 -13.51
N LYS A 551 -18.76 -8.05 -14.44
CA LYS A 551 -19.92 -8.86 -14.80
C LYS A 551 -19.54 -10.14 -15.55
N ILE A 552 -18.42 -10.10 -16.27
CA ILE A 552 -18.04 -11.17 -17.18
C ILE A 552 -16.73 -11.77 -16.67
N ASP A 553 -16.82 -12.85 -15.88
CA ASP A 553 -15.65 -13.61 -15.44
C ASP A 553 -14.64 -12.69 -14.74
N ALA A 554 -15.05 -12.18 -13.59
CA ALA A 554 -14.44 -11.02 -12.95
C ALA A 554 -13.01 -11.26 -12.46
N GLU A 555 -12.38 -12.38 -12.79
CA GLU A 555 -11.03 -12.62 -12.29
C GLU A 555 -9.94 -12.18 -13.27
N LEU A 556 -10.29 -11.49 -14.35
CA LEU A 556 -9.26 -10.95 -15.24
C LEU A 556 -8.88 -9.53 -14.86
N VAL A 557 -9.45 -8.99 -13.79
CA VAL A 557 -9.13 -7.65 -13.32
C VAL A 557 -8.55 -7.63 -11.91
N LEU A 558 -8.90 -8.61 -11.07
CA LEU A 558 -8.43 -8.60 -9.69
C LEU A 558 -6.90 -8.70 -9.66
N PRO A 559 -6.25 -7.98 -8.74
CA PRO A 559 -4.78 -8.00 -8.71
C PRO A 559 -4.18 -9.35 -8.39
N THR A 560 -4.95 -10.29 -7.82
CA THR A 560 -4.38 -11.55 -7.38
C THR A 560 -3.99 -12.47 -8.52
N ILE A 561 -4.59 -12.32 -9.71
CA ILE A 561 -4.28 -13.23 -10.80
C ILE A 561 -2.85 -13.02 -11.29
N ARG A 562 -2.39 -11.77 -11.36
CA ARG A 562 -1.01 -11.49 -11.74
C ARG A 562 -0.03 -12.07 -10.73
N SER A 563 -0.35 -11.96 -9.44
CA SER A 563 0.50 -12.55 -8.41
C SER A 563 0.54 -14.06 -8.55
N ALA A 564 -0.59 -14.69 -8.84
CA ALA A 564 -0.61 -16.14 -9.03
C ALA A 564 0.24 -16.56 -10.21
N VAL A 565 0.14 -15.83 -11.33
CA VAL A 565 0.96 -16.15 -12.50
C VAL A 565 2.44 -15.95 -12.16
N GLU A 566 2.76 -14.92 -11.39
CA GLU A 566 4.14 -14.69 -11.00
C GLU A 566 4.67 -15.80 -10.09
N LYS A 567 3.82 -16.31 -9.20
CA LYS A 567 4.21 -17.46 -8.39
C LYS A 567 4.47 -18.68 -9.25
N GLN A 568 3.64 -18.89 -10.26
CA GLN A 568 3.88 -20.00 -11.19
C GLN A 568 5.21 -19.81 -11.91
N LEU A 569 5.52 -18.58 -12.32
CA LEU A 569 6.78 -18.32 -13.00
C LEU A 569 7.97 -18.56 -12.06
N ASN A 570 7.84 -18.18 -10.79
CA ASN A 570 8.90 -18.48 -9.83
C ASN A 570 9.08 -19.98 -9.65
N LEU A 571 7.97 -20.72 -9.63
CA LEU A 571 8.06 -22.18 -9.59
C LEU A 571 8.78 -22.72 -10.82
N ILE A 572 8.57 -22.08 -11.97
CA ILE A 572 9.30 -22.44 -13.18
C ILE A 572 10.80 -22.22 -12.97
N ALA A 573 11.14 -21.04 -12.43
CA ALA A 573 12.54 -20.64 -12.33
C ALA A 573 13.31 -21.51 -11.34
N GLN A 574 12.71 -21.80 -10.18
CA GLN A 574 13.42 -22.56 -9.16
C GLN A 574 13.73 -23.97 -9.62
N GLY A 575 12.80 -24.61 -10.32
CA GLY A 575 13.03 -25.94 -10.84
C GLY A 575 11.96 -26.94 -10.44
N LYS A 576 11.13 -26.56 -9.47
CA LYS A 576 10.09 -27.47 -8.99
C LYS A 576 9.05 -27.77 -10.07
N ALA A 577 8.68 -26.77 -10.87
CA ALA A 577 7.73 -26.96 -11.95
C ALA A 577 8.43 -26.93 -13.30
N ASP A 578 7.80 -27.56 -14.29
CA ASP A 578 8.34 -27.61 -15.64
C ASP A 578 8.00 -26.30 -16.37
N TYR A 579 8.23 -26.27 -17.68
CA TYR A 579 8.03 -25.08 -18.49
C TYR A 579 6.89 -25.25 -19.50
N ARG A 580 6.98 -26.27 -20.35
CA ARG A 580 5.96 -26.47 -21.37
C ARG A 580 4.61 -26.78 -20.76
N GLN A 581 4.59 -27.56 -19.68
CA GLN A 581 3.33 -27.94 -19.05
C GLN A 581 2.59 -26.72 -18.52
N VAL A 582 3.29 -25.85 -17.79
CA VAL A 582 2.65 -24.67 -17.22
C VAL A 582 2.30 -23.68 -18.32
N LEU A 583 3.15 -23.54 -19.34
CA LEU A 583 2.82 -22.72 -20.50
C LEU A 583 1.48 -23.14 -21.11
N GLY A 584 1.34 -24.43 -21.41
CA GLY A 584 0.12 -24.91 -22.03
C GLY A 584 -1.08 -24.81 -21.11
N HIS A 585 -0.88 -25.08 -19.81
CA HIS A 585 -2.00 -25.03 -18.87
C HIS A 585 -2.55 -23.61 -18.77
N THR A 586 -1.67 -22.62 -18.57
CA THR A 586 -2.13 -21.24 -18.47
C THR A 586 -2.74 -20.77 -19.79
N LEU A 587 -2.14 -21.14 -20.91
CA LEU A 587 -2.67 -20.72 -22.20
C LEU A 587 -4.07 -21.29 -22.43
N ASP A 588 -4.28 -22.56 -22.09
CA ASP A 588 -5.59 -23.17 -22.27
C ASP A 588 -6.62 -22.58 -21.32
N VAL A 589 -6.22 -22.31 -20.07
CA VAL A 589 -7.14 -21.72 -19.11
C VAL A 589 -7.62 -20.36 -19.61
N PHE A 590 -6.69 -19.52 -20.04
CA PHE A 590 -7.10 -18.21 -20.54
C PHE A 590 -7.79 -18.30 -21.89
N LYS A 591 -7.52 -19.33 -22.69
CA LYS A 591 -8.29 -19.54 -23.91
C LYS A 591 -9.74 -19.84 -23.61
N ARG A 592 -9.99 -20.67 -22.59
CA ARG A 592 -11.34 -20.91 -22.15
C ARG A 592 -12.00 -19.64 -21.65
N LYS A 593 -11.25 -18.83 -20.90
CA LYS A 593 -11.80 -17.56 -20.41
C LYS A 593 -12.13 -16.61 -21.57
N PHE A 594 -11.28 -16.58 -22.59
CA PHE A 594 -11.54 -15.74 -23.76
C PHE A 594 -12.74 -16.22 -24.55
N HIS A 595 -12.92 -17.54 -24.66
CA HIS A 595 -14.08 -18.06 -25.36
C HIS A 595 -15.36 -17.74 -24.58
N TYR A 596 -15.29 -17.76 -23.26
CA TYR A 596 -16.42 -17.28 -22.47
C TYR A 596 -16.66 -15.79 -22.70
N PHE A 597 -15.59 -15.01 -22.75
CA PHE A 597 -15.72 -13.56 -22.90
C PHE A 597 -16.33 -13.18 -24.23
N VAL A 598 -15.93 -13.87 -25.31
CA VAL A 598 -16.38 -13.50 -26.65
C VAL A 598 -17.90 -13.64 -26.76
N ASP A 599 -18.44 -14.74 -26.25
CA ASP A 599 -19.87 -14.97 -26.32
C ASP A 599 -20.64 -14.35 -25.16
N SER A 600 -19.95 -13.83 -24.15
CA SER A 600 -20.60 -13.13 -23.06
C SER A 600 -20.55 -11.61 -23.21
N ILE A 601 -20.01 -11.10 -24.32
CA ILE A 601 -19.74 -9.69 -24.47
C ILE A 601 -21.02 -8.85 -24.48
N ALA A 602 -22.18 -9.48 -24.58
CA ALA A 602 -23.43 -8.72 -24.62
C ALA A 602 -23.64 -7.89 -23.37
N GLY A 603 -23.13 -8.35 -22.23
CA GLY A 603 -23.25 -7.56 -21.01
C GLY A 603 -22.49 -6.25 -21.10
N MET A 604 -21.25 -6.30 -21.58
CA MET A 604 -20.49 -5.07 -21.77
C MET A 604 -21.10 -4.21 -22.88
N ASP A 605 -21.69 -4.85 -23.89
CA ASP A 605 -22.36 -4.10 -24.96
C ASP A 605 -23.52 -3.29 -24.40
N GLU A 606 -24.37 -3.92 -23.58
CA GLU A 606 -25.51 -3.22 -23.03
C GLU A 606 -25.10 -2.23 -21.94
N LEU A 607 -23.96 -2.46 -21.30
CA LEU A 607 -23.43 -1.49 -20.35
C LEU A 607 -22.79 -0.30 -21.04
N MET A 608 -22.35 -0.46 -22.28
CA MET A 608 -21.83 0.66 -23.07
C MET A 608 -22.94 1.40 -23.80
N GLU A 609 -24.05 0.73 -24.10
CA GLU A 609 -25.13 1.37 -24.84
C GLU A 609 -25.75 2.54 -24.08
N VAL A 610 -25.64 2.56 -22.74
CA VAL A 610 -26.14 3.71 -22.00
C VAL A 610 -25.28 4.95 -22.29
N SER A 611 -23.97 4.76 -22.41
CA SER A 611 -23.08 5.82 -22.84
C SER A 611 -23.08 5.91 -24.36
N PHE A 612 -22.14 6.66 -24.92
CA PHE A 612 -21.99 6.85 -26.36
C PHE A 612 -22.27 5.60 -27.19
N MET B 1 -47.13 -20.72 48.29
CA MET B 1 -45.83 -20.67 47.64
C MET B 1 -45.76 -19.48 46.69
N ALA B 2 -46.92 -19.05 46.21
CA ALA B 2 -46.96 -17.91 45.29
C ALA B 2 -46.47 -16.64 45.96
N GLN B 3 -46.91 -16.39 47.20
CA GLN B 3 -46.52 -15.16 47.88
C GLN B 3 -45.03 -15.14 48.17
N VAL B 4 -44.48 -16.25 48.67
CA VAL B 4 -43.06 -16.29 48.99
C VAL B 4 -42.22 -16.21 47.73
N ALA B 5 -42.68 -16.85 46.65
CA ALA B 5 -41.97 -16.72 45.37
C ALA B 5 -41.98 -15.29 44.87
N GLY B 6 -43.13 -14.62 44.97
CA GLY B 6 -43.18 -13.22 44.55
C GLY B 6 -42.25 -12.35 45.35
N ALA B 7 -42.23 -12.56 46.68
CA ALA B 7 -41.31 -11.79 47.53
C ALA B 7 -39.85 -12.07 47.17
N ALA B 8 -39.51 -13.33 46.91
CA ALA B 8 -38.14 -13.68 46.57
C ALA B 8 -37.73 -13.04 45.25
N LEU B 9 -38.60 -13.08 44.24
CA LEU B 9 -38.28 -12.42 42.98
C LEU B 9 -38.19 -10.91 43.14
N SER B 10 -39.05 -10.32 43.96
CA SER B 10 -38.96 -8.88 44.21
C SER B 10 -37.61 -8.52 44.82
N GLN B 11 -37.16 -9.31 45.79
CA GLN B 11 -35.85 -9.08 46.38
C GLN B 11 -34.75 -9.27 45.35
N ALA B 12 -34.86 -10.29 44.51
CA ALA B 12 -33.83 -10.57 43.51
C ALA B 12 -33.79 -9.52 42.42
N GLY B 13 -34.87 -8.76 42.23
CA GLY B 13 -34.91 -7.71 41.23
C GLY B 13 -35.67 -8.04 39.97
N TRP B 14 -36.28 -9.22 39.88
CA TRP B 14 -37.11 -9.57 38.74
C TRP B 14 -38.55 -9.19 39.02
N TYR B 15 -39.17 -8.46 38.11
CA TYR B 15 -40.57 -8.09 38.23
C TYR B 15 -41.34 -8.80 37.11
N LEU B 16 -41.92 -9.95 37.44
CA LEU B 16 -42.66 -10.77 36.51
C LEU B 16 -44.09 -10.96 37.01
N SER B 17 -45.03 -10.97 36.07
CA SER B 17 -46.42 -11.14 36.41
C SER B 17 -46.69 -12.54 36.94
N ASP B 18 -47.84 -12.70 37.59
CA ASP B 18 -48.23 -14.01 38.10
C ASP B 18 -48.39 -15.01 36.96
N GLU B 19 -49.03 -14.60 35.87
CA GLU B 19 -49.17 -15.48 34.72
C GLU B 19 -47.81 -15.82 34.12
N GLY B 20 -46.90 -14.85 34.10
CA GLY B 20 -45.56 -15.13 33.59
C GLY B 20 -44.81 -16.12 34.45
N ILE B 21 -44.94 -15.99 35.77
CA ILE B 21 -44.30 -16.95 36.67
C ILE B 21 -44.89 -18.34 36.48
N GLU B 22 -46.22 -18.42 36.35
CA GLU B 22 -46.87 -19.70 36.14
C GLU B 22 -46.42 -20.34 34.83
N ALA B 23 -46.26 -19.54 33.78
CA ALA B 23 -45.70 -20.06 32.54
C ALA B 23 -44.28 -20.53 32.74
N CYS B 24 -43.48 -19.77 33.50
CA CYS B 24 -42.13 -20.20 33.86
C CYS B 24 -42.14 -21.32 34.89
N THR B 25 -43.25 -21.49 35.61
CA THR B 25 -43.37 -22.59 36.56
C THR B 25 -43.26 -23.93 35.84
N SER B 26 -42.44 -24.82 36.38
CA SER B 26 -42.22 -26.13 35.77
C SER B 26 -43.41 -27.04 36.05
N SER B 27 -43.32 -28.29 35.62
CA SER B 27 -44.42 -29.23 35.81
C SER B 27 -44.81 -29.40 37.27
N PRO B 28 -43.88 -29.62 38.22
CA PRO B 28 -44.30 -29.69 39.62
C PRO B 28 -44.81 -28.36 40.13
N ASP B 29 -45.72 -28.44 41.11
CA ASP B 29 -46.14 -27.24 41.81
C ASP B 29 -45.01 -26.66 42.66
N LYS B 30 -44.03 -27.48 43.01
CA LYS B 30 -42.86 -26.98 43.72
C LYS B 30 -41.96 -26.20 42.76
N VAL B 31 -41.58 -24.99 43.15
CA VAL B 31 -40.80 -24.10 42.31
C VAL B 31 -39.54 -23.69 43.07
N ASN B 32 -38.39 -23.87 42.43
CA ASN B 32 -37.11 -23.44 42.97
C ASN B 32 -36.77 -22.08 42.38
N VAL B 33 -36.35 -21.15 43.24
CA VAL B 33 -36.12 -19.78 42.80
C VAL B 33 -35.02 -19.72 41.75
N ASN B 34 -33.92 -20.44 41.98
CA ASN B 34 -32.85 -20.46 40.98
C ASN B 34 -33.32 -21.08 39.67
N ASP B 35 -34.11 -22.15 39.75
CA ASP B 35 -34.60 -22.81 38.54
C ASP B 35 -35.49 -21.88 37.73
N ILE B 36 -36.42 -21.18 38.40
CA ILE B 36 -37.31 -20.28 37.67
C ILE B 36 -36.55 -19.07 37.16
N ILE B 37 -35.52 -18.63 37.89
CA ILE B 37 -34.65 -17.57 37.39
C ILE B 37 -34.01 -18.00 36.09
N LEU B 38 -33.45 -19.21 36.05
CA LEU B 38 -32.80 -19.70 34.84
C LEU B 38 -33.79 -19.82 33.68
N ILE B 39 -34.96 -20.40 33.96
CA ILE B 39 -35.95 -20.61 32.90
C ILE B 39 -36.41 -19.27 32.34
N ALA B 40 -36.77 -18.34 33.23
CA ALA B 40 -37.24 -17.03 32.77
C ALA B 40 -36.15 -16.28 32.02
N LEU B 41 -34.91 -16.35 32.52
CA LEU B 41 -33.80 -15.68 31.85
C LEU B 41 -33.62 -16.23 30.44
N ASN B 42 -33.86 -17.53 30.25
CA ASN B 42 -33.73 -18.10 28.92
C ASN B 42 -34.79 -17.57 27.95
N THR B 43 -35.91 -17.08 28.46
CA THR B 43 -37.02 -16.66 27.61
C THR B 43 -36.95 -15.17 27.30
N ASP B 44 -37.66 -14.78 26.25
CA ASP B 44 -37.79 -13.37 25.90
C ASP B 44 -38.61 -12.63 26.95
N LEU B 45 -38.14 -11.44 27.32
CA LEU B 45 -38.75 -10.72 28.42
C LEU B 45 -40.10 -10.11 28.06
N ARG B 46 -40.34 -9.81 26.79
CA ARG B 46 -41.57 -9.11 26.43
C ARG B 46 -42.81 -9.91 26.78
N THR B 47 -42.71 -11.24 26.87
CA THR B 47 -43.87 -12.06 27.21
C THR B 47 -44.19 -11.99 28.69
N ILE B 48 -43.17 -11.96 29.55
CA ILE B 48 -43.34 -12.09 30.99
C ILE B 48 -42.77 -10.85 31.68
N GLY B 49 -43.56 -10.21 32.53
CA GLY B 49 -43.07 -9.07 33.26
C GLY B 49 -44.19 -8.25 33.85
N LYS B 50 -43.84 -7.05 34.30
CA LYS B 50 -44.80 -6.12 34.88
C LYS B 50 -44.24 -4.71 34.71
N LYS B 51 -45.15 -3.73 34.78
CA LYS B 51 -44.76 -2.34 34.61
C LYS B 51 -43.83 -1.91 35.74
N PHE B 52 -42.56 -1.68 35.40
CA PHE B 52 -41.59 -1.13 36.35
C PHE B 52 -41.25 0.33 36.12
N LEU B 53 -40.78 0.66 34.93
CA LEU B 53 -40.33 2.01 34.62
C LEU B 53 -41.51 2.97 34.56
N PRO B 54 -41.30 4.23 34.90
CA PRO B 54 -42.38 5.21 34.78
C PRO B 54 -42.71 5.50 33.32
N SER B 55 -43.98 5.85 33.10
CA SER B 55 -44.48 6.00 31.75
C SER B 55 -43.76 7.09 30.97
N ASP B 56 -43.12 8.03 31.67
CA ASP B 56 -42.40 9.12 31.03
C ASP B 56 -40.89 8.96 31.11
N ILE B 57 -40.41 7.71 31.16
CA ILE B 57 -38.98 7.46 31.34
C ILE B 57 -38.18 7.96 30.15
N ASN B 58 -38.80 8.05 28.98
CA ASN B 58 -38.09 8.47 27.78
C ASN B 58 -38.33 9.95 27.45
N SER B 59 -38.70 10.76 28.44
CA SER B 59 -38.95 12.18 28.24
C SER B 59 -38.00 13.06 29.02
N GLY B 60 -37.19 12.50 29.90
CA GLY B 60 -36.20 13.27 30.63
C GLY B 60 -36.55 13.76 32.02
N LYS B 61 -37.82 14.03 32.28
CA LYS B 61 -38.26 14.59 33.56
C LYS B 61 -38.48 13.49 34.60
N VAL B 62 -37.45 12.65 34.76
CA VAL B 62 -37.44 11.64 35.81
C VAL B 62 -36.14 11.73 36.60
N GLU B 63 -35.01 11.63 35.92
CA GLU B 63 -33.68 11.94 36.43
C GLU B 63 -33.15 10.93 37.44
N LYS B 64 -33.99 9.99 37.88
CA LYS B 64 -33.57 9.01 38.88
C LYS B 64 -34.23 7.68 38.58
N LEU B 65 -33.51 6.58 38.83
CA LEU B 65 -34.12 5.26 38.87
C LEU B 65 -33.59 4.53 40.09
N GLU B 66 -34.49 3.94 40.86
CA GLU B 66 -34.17 3.40 42.18
C GLU B 66 -34.43 1.90 42.22
N GLY B 67 -33.70 1.21 43.10
CA GLY B 67 -33.92 -0.19 43.35
C GLY B 67 -33.35 -1.07 42.26
N PRO B 68 -33.30 -2.37 42.52
CA PRO B 68 -32.86 -3.30 41.47
C PRO B 68 -33.87 -3.35 40.34
N CYS B 69 -33.38 -3.60 39.13
CA CYS B 69 -34.24 -3.69 37.97
C CYS B 69 -33.60 -4.56 36.92
N VAL B 70 -34.35 -5.55 36.42
CA VAL B 70 -33.89 -6.40 35.33
C VAL B 70 -34.49 -5.88 34.03
N LEU B 71 -33.66 -5.76 33.00
CA LEU B 71 -34.09 -5.25 31.71
C LEU B 71 -33.50 -6.09 30.61
N GLN B 72 -34.15 -6.08 29.45
CA GLN B 72 -33.72 -6.86 28.30
C GLN B 72 -33.17 -5.94 27.22
N ILE B 73 -31.99 -6.25 26.73
CA ILE B 73 -31.39 -5.50 25.62
C ILE B 73 -32.04 -5.95 24.33
N GLN B 74 -32.27 -5.00 23.42
CA GLN B 74 -32.86 -5.33 22.12
C GLN B 74 -31.97 -4.95 20.95
N LYS B 75 -31.37 -3.76 20.97
CA LYS B 75 -30.48 -3.33 19.91
C LYS B 75 -29.30 -2.60 20.53
N ILE B 76 -28.10 -2.90 20.05
CA ILE B 76 -26.87 -2.27 20.52
C ILE B 76 -26.18 -1.65 19.31
N ARG B 77 -25.91 -0.34 19.39
CA ARG B 77 -25.25 0.39 18.32
C ARG B 77 -24.08 1.17 18.90
N ASN B 78 -22.95 1.13 18.18
CA ASN B 78 -21.77 1.89 18.58
C ASN B 78 -21.93 3.31 18.07
N VAL B 79 -22.29 4.22 18.98
CA VAL B 79 -22.54 5.60 18.59
C VAL B 79 -21.26 6.27 18.09
N ALA B 80 -20.13 5.95 18.71
CA ALA B 80 -18.87 6.59 18.36
C ALA B 80 -18.25 6.05 17.08
N ALA B 81 -19.00 5.31 16.28
CA ALA B 81 -18.51 4.77 15.03
C ALA B 81 -19.56 5.00 13.94
N PRO B 82 -19.13 5.15 12.70
CA PRO B 82 -20.10 5.29 11.61
C PRO B 82 -20.89 4.01 11.40
N LYS B 83 -22.07 4.17 10.80
CA LYS B 83 -22.93 3.01 10.56
C LYS B 83 -22.28 2.01 9.62
N ASP B 84 -21.44 2.49 8.69
CA ASP B 84 -20.78 1.59 7.75
C ASP B 84 -19.71 0.75 8.42
N ASN B 85 -18.88 1.37 9.26
CA ASN B 85 -17.76 0.65 9.86
C ASN B 85 -18.19 -0.15 11.08
N GLU B 86 -18.69 0.53 12.11
CA GLU B 86 -19.20 -0.03 13.36
C GLU B 86 -18.11 -0.71 14.19
N GLU B 87 -16.87 -0.74 13.74
CA GLU B 87 -15.79 -1.36 14.51
C GLU B 87 -14.51 -0.56 14.42
N SER B 88 -14.60 0.73 14.11
CA SER B 88 -13.43 1.58 13.99
C SER B 88 -12.85 1.88 15.37
N GLN B 89 -11.52 1.88 15.45
CA GLN B 89 -10.82 2.16 16.70
C GLN B 89 -10.37 3.62 16.78
N ALA B 90 -10.99 4.51 16.01
CA ALA B 90 -10.66 5.92 16.02
C ALA B 90 -11.41 6.69 17.09
N ALA B 91 -12.23 6.01 17.89
CA ALA B 91 -12.97 6.64 18.97
C ALA B 91 -13.12 5.65 20.10
N PRO B 92 -13.18 6.10 21.34
CA PRO B 92 -13.57 5.19 22.42
C PRO B 92 -14.97 4.64 22.18
N ARG B 93 -15.15 3.36 22.46
CA ARG B 93 -16.40 2.69 22.17
C ARG B 93 -17.49 3.17 23.11
N MET B 94 -18.49 3.83 22.57
CA MET B 94 -19.68 4.24 23.33
C MET B 94 -20.89 3.50 22.76
N LEU B 95 -21.61 2.80 23.63
CA LEU B 95 -22.72 1.96 23.22
C LEU B 95 -24.04 2.59 23.66
N ARG B 96 -25.00 2.61 22.73
CA ARG B 96 -26.38 2.97 23.01
C ARG B 96 -27.20 1.70 23.07
N LEU B 97 -27.81 1.45 24.22
CA LEU B 97 -28.56 0.23 24.47
C LEU B 97 -30.04 0.54 24.50
N GLN B 98 -30.81 -0.18 23.69
CA GLN B 98 -32.27 -0.08 23.67
C GLN B 98 -32.82 -1.12 24.62
N MET B 99 -33.16 -0.70 25.83
CA MET B 99 -33.59 -1.60 26.87
C MET B 99 -35.12 -1.61 26.97
N THR B 100 -35.66 -2.78 27.30
CA THR B 100 -37.09 -2.97 27.41
C THR B 100 -37.43 -3.70 28.69
N ASP B 101 -38.64 -3.45 29.18
CA ASP B 101 -39.19 -4.17 30.31
C ASP B 101 -40.44 -4.95 29.96
N GLY B 102 -40.83 -4.99 28.69
CA GLY B 102 -42.00 -5.69 28.24
C GLY B 102 -43.20 -4.79 27.95
N HIS B 103 -43.20 -3.56 28.45
CA HIS B 103 -44.31 -2.65 28.24
C HIS B 103 -43.89 -1.32 27.62
N ILE B 104 -42.75 -0.76 28.03
CA ILE B 104 -42.22 0.46 27.48
C ILE B 104 -40.74 0.26 27.18
N SER B 105 -40.09 1.31 26.70
CA SER B 105 -38.71 1.23 26.27
C SER B 105 -37.91 2.40 26.84
N CYS B 106 -36.62 2.16 27.06
CA CYS B 106 -35.70 3.20 27.50
C CYS B 106 -34.40 3.05 26.73
N THR B 107 -33.62 4.12 26.72
CA THR B 107 -32.34 4.15 26.03
C THR B 107 -31.24 4.49 27.02
N ALA B 108 -30.14 3.76 26.96
CA ALA B 108 -29.04 3.94 27.90
C ALA B 108 -27.75 4.17 27.13
N VAL B 109 -26.83 4.90 27.76
CA VAL B 109 -25.55 5.25 27.16
C VAL B 109 -24.43 4.72 28.06
N GLU B 110 -23.39 4.18 27.41
CA GLU B 110 -22.33 3.48 28.13
C GLU B 110 -21.62 4.39 29.13
N PHE B 111 -21.13 5.54 28.69
CA PHE B 111 -20.58 6.57 29.56
C PHE B 111 -19.29 6.15 30.26
N SER B 112 -18.87 4.90 30.06
CA SER B 112 -17.65 4.35 30.63
C SER B 112 -17.43 2.97 30.06
N TYR B 113 -16.18 2.52 30.04
CA TYR B 113 -15.90 1.19 29.54
C TYR B 113 -16.48 0.13 30.47
N MET B 114 -17.07 -0.91 29.87
CA MET B 114 -17.75 -1.96 30.62
C MET B 114 -17.00 -3.29 30.63
N SER B 115 -16.46 -3.69 29.48
CA SER B 115 -15.79 -4.99 29.30
C SER B 115 -16.72 -6.17 29.55
N LYS B 116 -18.02 -5.91 29.67
CA LYS B 116 -19.02 -6.97 29.81
C LYS B 116 -20.14 -6.88 28.80
N ILE B 117 -20.48 -5.69 28.31
CA ILE B 117 -21.45 -5.52 27.24
C ILE B 117 -20.70 -5.09 26.00
N SER B 118 -20.73 -5.92 24.98
CA SER B 118 -19.99 -5.67 23.74
C SER B 118 -20.97 -5.70 22.57
N LEU B 119 -20.47 -5.31 21.41
CA LEU B 119 -21.30 -5.27 20.21
C LEU B 119 -21.74 -6.66 19.75
N ASN B 120 -21.12 -7.71 20.27
CA ASN B 120 -21.49 -9.09 19.96
C ASN B 120 -22.52 -9.66 20.93
N THR B 121 -22.98 -8.88 21.89
CA THR B 121 -23.95 -9.38 22.85
C THR B 121 -25.28 -9.61 22.17
N PRO B 122 -25.85 -10.81 22.24
CA PRO B 122 -27.08 -11.11 21.50
C PRO B 122 -28.27 -10.39 22.12
N PRO B 123 -29.21 -9.92 21.30
CA PRO B 123 -30.47 -9.41 21.85
C PRO B 123 -31.16 -10.47 22.68
N GLY B 124 -31.82 -10.01 23.74
CA GLY B 124 -32.37 -10.89 24.74
C GLY B 124 -31.52 -11.01 25.99
N THR B 125 -30.25 -10.63 25.90
CA THR B 125 -29.39 -10.60 27.08
C THR B 125 -29.97 -9.69 28.13
N LYS B 126 -29.95 -10.13 29.38
CA LYS B 126 -30.59 -9.41 30.46
C LYS B 126 -29.55 -8.78 31.37
N VAL B 127 -29.86 -7.58 31.84
CA VAL B 127 -28.96 -6.79 32.67
C VAL B 127 -29.70 -6.33 33.92
N LYS B 128 -29.00 -6.36 35.04
CA LYS B 128 -29.53 -5.92 36.32
C LYS B 128 -28.88 -4.60 36.71
N LEU B 129 -29.71 -3.64 37.09
CA LEU B 129 -29.27 -2.33 37.58
C LEU B 129 -29.56 -2.26 39.07
N SER B 130 -28.54 -1.93 39.85
CA SER B 130 -28.63 -1.91 41.30
C SER B 130 -28.30 -0.51 41.82
N GLY B 131 -29.02 -0.09 42.84
CA GLY B 131 -28.82 1.22 43.42
C GLY B 131 -29.42 2.31 42.55
N ILE B 132 -29.20 3.55 42.99
CA ILE B 132 -29.68 4.69 42.23
C ILE B 132 -28.86 4.81 40.95
N VAL B 133 -29.55 4.96 39.82
CA VAL B 133 -28.90 5.14 38.53
C VAL B 133 -29.46 6.40 37.87
N ASP B 134 -28.58 7.15 37.22
CA ASP B 134 -28.87 8.49 36.76
C ASP B 134 -29.52 8.48 35.39
N ILE B 135 -30.46 9.41 35.19
CA ILE B 135 -31.12 9.63 33.91
C ILE B 135 -30.96 11.10 33.58
N LYS B 136 -30.43 11.39 32.39
CA LYS B 136 -30.23 12.77 31.95
C LYS B 136 -30.70 12.91 30.51
N ASN B 137 -31.51 13.93 30.25
CA ASN B 137 -32.05 14.20 28.92
C ASN B 137 -32.72 12.95 28.34
N GLY B 138 -33.41 12.22 29.20
CA GLY B 138 -34.08 10.99 28.79
C GLY B 138 -33.14 9.89 28.38
N PHE B 139 -31.98 9.77 29.02
CA PHE B 139 -31.03 8.70 28.74
C PHE B 139 -30.52 8.15 30.06
N LEU B 140 -30.59 6.84 30.22
CA LEU B 140 -29.95 6.17 31.35
C LEU B 140 -28.44 6.24 31.20
N LEU B 141 -27.75 6.33 32.34
CA LEU B 141 -26.29 6.35 32.36
C LEU B 141 -25.80 5.04 32.95
N LEU B 142 -25.01 4.28 32.20
CA LEU B 142 -24.61 2.93 32.63
C LEU B 142 -23.14 2.87 32.99
N ASN B 143 -22.81 3.22 34.23
CA ASN B 143 -21.46 2.96 34.70
C ASN B 143 -21.33 1.50 35.10
N ASP B 144 -20.09 1.06 35.32
CA ASP B 144 -19.82 -0.34 35.63
C ASP B 144 -20.23 -0.71 37.05
N SER B 145 -20.57 0.26 37.89
CA SER B 145 -20.86 -0.01 39.29
C SER B 145 -22.26 -0.55 39.52
N ASN B 146 -23.13 -0.59 38.50
CA ASN B 146 -24.50 -1.04 38.70
C ASN B 146 -25.00 -2.01 37.65
N THR B 147 -24.34 -2.16 36.51
CA THR B 147 -24.80 -3.06 35.46
C THR B 147 -24.16 -4.43 35.64
N THR B 148 -24.98 -5.44 35.91
CA THR B 148 -24.53 -6.83 35.96
C THR B 148 -25.20 -7.60 34.84
N VAL B 149 -24.39 -8.24 34.00
CA VAL B 149 -24.87 -8.90 32.78
C VAL B 149 -25.12 -10.36 33.12
N LEU B 150 -26.39 -10.77 33.10
CA LEU B 150 -26.74 -12.17 33.28
C LEU B 150 -26.75 -12.83 31.90
N GLY B 151 -25.94 -13.87 31.74
CA GLY B 151 -25.76 -14.50 30.45
C GLY B 151 -27.06 -15.03 29.85
N GLY B 152 -27.55 -14.34 28.82
CA GLY B 152 -28.81 -14.67 28.20
C GLY B 152 -28.65 -15.46 26.91
N GLU B 153 -29.74 -16.08 26.48
CA GLU B 153 -29.75 -16.86 25.26
C GLU B 153 -31.16 -16.85 24.70
N VAL B 154 -31.38 -16.11 23.63
CA VAL B 154 -32.65 -16.06 22.92
C VAL B 154 -32.35 -16.14 21.43
N GLU B 155 -33.28 -16.74 20.68
CA GLU B 155 -33.12 -17.10 19.28
C GLU B 155 -33.05 -15.90 18.32
N HIS B 156 -32.99 -14.65 18.77
CA HIS B 156 -32.97 -13.51 17.85
C HIS B 156 -31.57 -13.35 17.25
N LEU B 157 -31.38 -12.25 16.52
CA LEU B 157 -30.10 -11.92 15.87
C LEU B 157 -29.66 -13.04 14.92
N ILE B 158 -30.62 -13.59 14.19
CA ILE B 158 -30.32 -14.68 13.27
C ILE B 158 -29.45 -14.18 12.12
N GLU B 159 -29.80 -13.03 11.55
CA GLU B 159 -29.11 -12.48 10.39
C GLU B 159 -28.33 -11.25 10.80
N LYS B 160 -27.03 -11.24 10.50
CA LYS B 160 -26.15 -10.11 10.79
C LYS B 160 -25.21 -9.98 9.58
N TRP B 161 -25.60 -9.13 8.64
CA TRP B 161 -24.87 -8.97 7.38
C TRP B 161 -24.69 -10.31 6.67
#